data_6XSO
#
_entry.id   6XSO
#
_cell.length_a   55.640
_cell.length_b   91.890
_cell.length_c   170.850
_cell.angle_alpha   90.000
_cell.angle_beta   90.000
_cell.angle_gamma   90.000
#
_symmetry.space_group_name_H-M   'P 21 21 21'
#
loop_
_entity.id
_entity.type
_entity.pdbx_description
1 polymer Cellulase
2 non-polymer '(2S)-2-hydroxybutanedioic acid'
3 non-polymer 'SODIUM ION'
4 non-polymer DI(HYDROXYETHYL)ETHER
5 water water
#
_entity_poly.entity_id   1
_entity_poly.type   'polypeptide(L)'
_entity_poly.pdbx_seq_one_letter_code
;MGSHHHHHHHHENLYFQSFETATNAVKNMGVGWNLGNTLDANDATKTWTTTVQHETCWGQPVTKPELFKMMKEAGFGAIR
VPVTWYQEMDANGKVNEAWMKRVKEVVDYVVAQDMYCIINVHHDTGADKDAFKSWIKADEANYNQNKAKYEYLWRQIAEA
FKDYGDKVLFESYNEMLDKLNSWCFASFAASGQYDATVATSAYNAINGYARSFVNAVRGTGGNNVRRNLIVNTYAAANGS
GNWNAHLKDPLSKLVIPQGERDHIAVQVHAYPTIAGKTISAIRTDTRDLMNGLNTYFVSKGIPVIIGEWSTSNVDAKETD
YDARKSLMFQFVDDFVAQAKALGIATFYWMGLSDGASRTMPSFNQADLAERIAKAYHGV
;
_entity_poly.pdbx_strand_id   A,B
#
loop_
_chem_comp.id
_chem_comp.type
_chem_comp.name
_chem_comp.formula
LMR non-polymer '(2S)-2-hydroxybutanedioic acid' 'C4 H6 O5'
NA non-polymer 'SODIUM ION' 'Na 1'
PEG non-polymer DI(HYDROXYETHYL)ETHER 'C4 H10 O3'
#
# COMPACT_ATOMS: atom_id res chain seq x y z
N HIS A 7 26.39 37.54 -4.60
CA HIS A 7 27.04 36.48 -5.35
C HIS A 7 26.12 35.27 -5.53
N HIS A 8 25.00 35.29 -4.83
CA HIS A 8 24.05 34.19 -4.81
C HIS A 8 22.76 34.56 -5.56
N HIS A 9 22.88 35.47 -6.53
CA HIS A 9 21.72 36.02 -7.24
C HIS A 9 21.19 35.06 -8.29
N HIS A 10 22.06 34.27 -8.92
CA HIS A 10 21.59 33.25 -9.85
C HIS A 10 20.70 32.22 -9.16
N HIS A 11 20.63 32.22 -7.83
CA HIS A 11 19.75 31.28 -7.15
C HIS A 11 18.29 31.64 -7.35
N GLU A 12 17.98 32.93 -7.45
CA GLU A 12 16.62 33.40 -7.76
C GLU A 12 16.20 33.07 -9.19
N ASN A 13 17.10 32.52 -10.00
CA ASN A 13 16.76 32.25 -11.40
C ASN A 13 15.60 31.27 -11.50
N LEU A 14 14.57 31.68 -12.24
CA LEU A 14 13.42 30.84 -12.54
C LEU A 14 13.68 30.24 -13.92
N TYR A 15 13.96 28.93 -13.95
CA TYR A 15 14.25 28.23 -15.20
C TYR A 15 12.93 27.72 -15.79
N PHE A 16 12.24 28.63 -16.47
CA PHE A 16 10.92 28.35 -17.01
C PHE A 16 10.98 27.25 -18.05
N GLN A 17 10.06 26.30 -17.95
CA GLN A 17 9.99 25.14 -18.83
C GLN A 17 8.90 25.34 -19.87
N SER A 18 9.29 25.41 -21.14
CA SER A 18 8.31 25.49 -22.22
C SER A 18 7.77 24.11 -22.53
N PHE A 19 6.47 24.04 -22.84
CA PHE A 19 5.82 22.81 -23.28
C PHE A 19 5.25 23.03 -24.68
N GLU A 20 5.80 22.31 -25.65
CA GLU A 20 5.32 22.36 -27.02
C GLU A 20 3.91 21.78 -27.07
N THR A 21 3.23 22.05 -28.18
CA THR A 21 1.92 21.45 -28.39
C THR A 21 2.08 19.94 -28.56
N ALA A 22 1.01 19.21 -28.24
CA ALA A 22 1.05 17.78 -28.49
C ALA A 22 1.25 17.47 -29.97
N THR A 23 0.69 18.30 -30.86
CA THR A 23 0.88 18.08 -32.30
C THR A 23 2.36 18.11 -32.66
N ASN A 24 3.09 19.10 -32.14
CA ASN A 24 4.53 19.15 -32.40
C ASN A 24 5.27 18.01 -31.69
N ALA A 25 4.87 17.67 -30.46
CA ALA A 25 5.52 16.55 -29.78
C ALA A 25 5.46 15.29 -30.62
N VAL A 26 4.27 14.98 -31.15
CA VAL A 26 4.06 13.74 -31.87
C VAL A 26 4.88 13.73 -33.16
N LYS A 27 4.93 14.87 -33.85
CA LYS A 27 5.83 14.96 -35.01
C LYS A 27 7.28 14.77 -34.61
N ASN A 28 7.69 15.40 -33.50
CA ASN A 28 9.11 15.40 -33.13
C ASN A 28 9.57 14.07 -32.55
N MET A 29 8.62 13.19 -32.16
CA MET A 29 9.00 11.87 -31.68
C MET A 29 9.71 11.03 -32.74
N GLY A 30 9.53 11.32 -34.02
CA GLY A 30 10.18 10.50 -35.03
C GLY A 30 9.60 9.10 -35.03
N VAL A 31 10.49 8.10 -35.04
CA VAL A 31 10.10 6.71 -34.89
C VAL A 31 10.45 6.25 -33.48
N GLY A 32 9.51 5.52 -32.86
CA GLY A 32 9.64 5.08 -31.49
C GLY A 32 9.69 3.56 -31.36
N TRP A 33 9.95 3.13 -30.12
CA TRP A 33 10.07 1.72 -29.78
C TRP A 33 9.48 1.53 -28.39
N ASN A 34 8.92 0.33 -28.16
CA ASN A 34 8.38 -0.07 -26.86
C ASN A 34 9.36 -0.95 -26.11
N LEU A 35 9.66 -0.57 -24.86
CA LEU A 35 10.38 -1.44 -23.92
C LEU A 35 9.39 -2.44 -23.30
N GLY A 36 8.90 -3.34 -24.17
CA GLY A 36 7.82 -4.21 -23.77
C GLY A 36 8.24 -5.40 -22.91
N ASN A 37 7.24 -5.95 -22.19
CA ASN A 37 7.41 -7.13 -21.37
C ASN A 37 8.44 -6.92 -20.25
N THR A 38 8.53 -5.69 -19.77
CA THR A 38 9.58 -5.26 -18.83
C THR A 38 8.92 -4.70 -17.60
N LEU A 39 8.76 -3.37 -17.47
CA LEU A 39 8.07 -2.86 -16.29
C LEU A 39 6.57 -3.16 -16.33
N ASP A 40 6.06 -3.57 -17.49
CA ASP A 40 4.68 -4.05 -17.64
C ASP A 40 4.51 -5.52 -17.29
N ALA A 41 5.59 -6.27 -17.13
CA ALA A 41 5.45 -7.68 -16.80
C ALA A 41 4.75 -7.86 -15.47
N ASN A 42 4.00 -8.95 -15.35
CA ASN A 42 3.23 -9.21 -14.13
C ASN A 42 2.88 -10.70 -14.09
N ASP A 43 2.67 -11.19 -12.89
CA ASP A 43 2.24 -12.57 -12.68
C ASP A 43 1.34 -12.57 -11.45
N ALA A 44 0.03 -12.68 -11.65
CA ALA A 44 -0.91 -12.55 -10.55
C ALA A 44 -0.74 -13.63 -9.49
N THR A 45 -0.06 -14.73 -9.82
CA THR A 45 0.14 -15.82 -8.86
C THR A 45 1.29 -15.56 -7.91
N LYS A 46 2.04 -14.48 -8.12
CA LYS A 46 3.22 -14.16 -7.34
C LYS A 46 3.00 -12.84 -6.61
N THR A 47 3.81 -12.66 -5.56
CA THR A 47 3.97 -11.41 -4.83
C THR A 47 5.45 -11.06 -4.91
N TRP A 48 5.74 -9.80 -5.22
CA TRP A 48 7.13 -9.37 -5.36
C TRP A 48 7.68 -8.81 -4.04
N THR A 49 8.98 -9.01 -3.84
CA THR A 49 9.72 -8.32 -2.78
C THR A 49 10.87 -7.46 -3.29
N THR A 50 11.21 -7.53 -4.58
CA THR A 50 12.20 -6.65 -5.17
C THR A 50 11.70 -6.15 -6.52
N THR A 51 12.25 -5.00 -6.96
CA THR A 51 11.87 -4.51 -8.27
C THR A 51 12.36 -5.44 -9.38
N VAL A 52 13.47 -6.15 -9.13
CA VAL A 52 14.04 -7.01 -10.17
C VAL A 52 13.09 -8.14 -10.50
N GLN A 53 12.45 -8.71 -9.48
CA GLN A 53 11.52 -9.80 -9.72
C GLN A 53 10.43 -9.39 -10.69
N HIS A 54 9.91 -8.18 -10.54
CA HIS A 54 8.87 -7.67 -11.43
C HIS A 54 9.43 -7.42 -12.81
N GLU A 55 10.55 -6.71 -12.90
CA GLU A 55 11.10 -6.29 -14.19
C GLU A 55 11.52 -7.47 -15.05
N THR A 56 11.93 -8.56 -14.42
CA THR A 56 12.49 -9.72 -15.13
C THR A 56 11.53 -10.91 -15.24
N CYS A 57 10.29 -10.79 -14.77
CA CYS A 57 9.47 -12.00 -14.67
C CYS A 57 9.01 -12.53 -16.02
N TRP A 58 9.10 -11.75 -17.11
CA TRP A 58 8.79 -12.25 -18.45
C TRP A 58 10.04 -12.41 -19.31
N GLY A 59 11.20 -12.60 -18.68
CA GLY A 59 12.41 -12.95 -19.40
C GLY A 59 13.19 -11.81 -20.00
N GLN A 60 12.85 -10.58 -19.70
CA GLN A 60 13.71 -9.49 -20.09
C GLN A 60 14.68 -9.18 -18.96
N PRO A 61 15.88 -8.70 -19.28
CA PRO A 61 16.87 -8.37 -18.24
C PRO A 61 16.55 -7.05 -17.57
N VAL A 62 17.22 -6.81 -16.43
CA VAL A 62 17.18 -5.50 -15.82
C VAL A 62 17.71 -4.47 -16.80
N THR A 63 16.93 -3.41 -17.03
CA THR A 63 17.22 -2.47 -18.10
C THR A 63 18.43 -1.61 -17.69
N LYS A 64 19.27 -1.28 -18.67
CA LYS A 64 20.45 -0.45 -18.46
C LYS A 64 20.43 0.73 -19.42
N PRO A 65 21.13 1.82 -19.09
CA PRO A 65 20.99 3.03 -19.91
C PRO A 65 21.59 2.91 -21.30
N GLU A 66 22.57 2.03 -21.48
N GLU A 66 22.58 2.04 -21.49
CA GLU A 66 23.24 1.92 -22.77
CA GLU A 66 23.21 2.02 -22.81
C GLU A 66 22.28 1.48 -23.86
C GLU A 66 22.29 1.46 -23.89
N LEU A 67 21.29 0.65 -23.53
CA LEU A 67 20.28 0.27 -24.50
C LEU A 67 19.70 1.48 -25.23
N PHE A 68 19.43 2.55 -24.51
CA PHE A 68 18.78 3.70 -25.12
C PHE A 68 19.76 4.57 -25.89
N LYS A 69 21.02 4.62 -25.48
CA LYS A 69 22.06 5.21 -26.32
C LYS A 69 22.08 4.52 -27.68
N MET A 70 22.00 3.20 -27.68
CA MET A 70 22.01 2.45 -28.93
C MET A 70 20.77 2.77 -29.77
N MET A 71 19.59 2.79 -29.14
CA MET A 71 18.37 3.12 -29.87
C MET A 71 18.46 4.51 -30.50
N LYS A 72 18.93 5.48 -29.72
CA LYS A 72 19.06 6.84 -30.23
C LYS A 72 20.01 6.89 -31.43
N GLU A 73 21.17 6.24 -31.32
CA GLU A 73 22.15 6.27 -32.40
C GLU A 73 21.66 5.57 -33.65
N ALA A 74 20.73 4.62 -33.51
CA ALA A 74 20.11 3.95 -34.66
C ALA A 74 19.02 4.79 -35.30
N GLY A 75 18.68 5.94 -34.71
CA GLY A 75 17.71 6.83 -35.31
C GLY A 75 16.37 6.93 -34.62
N PHE A 76 16.17 6.26 -33.49
CA PHE A 76 14.90 6.34 -32.79
C PHE A 76 14.85 7.61 -31.96
N GLY A 77 13.63 8.13 -31.85
CA GLY A 77 13.42 9.44 -31.24
C GLY A 77 12.57 9.42 -29.99
N ALA A 78 12.07 8.25 -29.61
CA ALA A 78 11.09 8.15 -28.54
C ALA A 78 11.00 6.71 -28.08
N ILE A 79 10.74 6.53 -26.78
CA ILE A 79 10.57 5.22 -26.17
C ILE A 79 9.27 5.24 -25.37
N ARG A 80 8.40 4.26 -25.63
CA ARG A 80 7.27 3.98 -24.75
C ARG A 80 7.73 2.97 -23.71
N VAL A 81 7.49 3.29 -22.44
CA VAL A 81 7.89 2.47 -21.30
C VAL A 81 6.59 2.03 -20.64
N PRO A 82 5.99 0.92 -21.07
CA PRO A 82 4.78 0.44 -20.41
C PRO A 82 5.07 0.02 -18.98
N VAL A 83 4.14 0.35 -18.08
CA VAL A 83 4.29 0.01 -16.67
C VAL A 83 3.00 -0.59 -16.17
N THR A 84 3.09 -1.71 -15.45
CA THR A 84 1.96 -2.34 -14.77
C THR A 84 2.11 -2.12 -13.27
N TRP A 85 1.06 -1.60 -12.64
CA TRP A 85 1.17 -1.06 -11.30
C TRP A 85 0.55 -1.92 -10.20
N TYR A 86 -0.38 -2.83 -10.51
CA TYR A 86 -1.23 -3.41 -9.48
C TYR A 86 -0.46 -4.26 -8.47
N GLN A 87 0.65 -4.88 -8.89
CA GLN A 87 1.47 -5.65 -7.96
C GLN A 87 2.42 -4.78 -7.16
N GLU A 88 2.31 -3.46 -7.33
CA GLU A 88 3.15 -2.49 -6.65
C GLU A 88 2.32 -1.51 -5.82
N MET A 89 1.05 -1.81 -5.59
CA MET A 89 0.12 -0.95 -4.89
C MET A 89 -0.39 -1.67 -3.65
N ASP A 90 -0.51 -0.93 -2.54
CA ASP A 90 -1.04 -1.49 -1.30
C ASP A 90 -2.56 -1.44 -1.33
N ALA A 91 -3.17 -1.81 -0.19
CA ALA A 91 -4.63 -1.90 -0.13
C ALA A 91 -5.28 -0.55 -0.40
N ASN A 92 -4.59 0.54 -0.11
CA ASN A 92 -5.10 1.87 -0.35
C ASN A 92 -4.79 2.41 -1.74
N GLY A 93 -4.03 1.68 -2.55
CA GLY A 93 -3.65 2.16 -3.85
C GLY A 93 -2.32 2.90 -3.89
N LYS A 94 -1.59 2.95 -2.78
CA LYS A 94 -0.32 3.64 -2.73
C LYS A 94 0.77 2.77 -3.38
N VAL A 95 1.52 3.37 -4.31
CA VAL A 95 2.63 2.70 -4.99
C VAL A 95 3.83 2.76 -4.05
N ASN A 96 4.53 1.64 -3.89
CA ASN A 96 5.66 1.65 -2.97
C ASN A 96 6.80 2.49 -3.55
N GLU A 97 7.61 3.06 -2.64
CA GLU A 97 8.64 4.01 -3.08
C GLU A 97 9.69 3.34 -3.95
N ALA A 98 10.03 2.09 -3.66
CA ALA A 98 11.08 1.41 -4.44
C ALA A 98 10.66 1.25 -5.89
N TRP A 99 9.38 0.94 -6.12
CA TRP A 99 8.92 0.74 -7.49
C TRP A 99 8.91 2.06 -8.25
N MET A 100 8.42 3.13 -7.62
CA MET A 100 8.38 4.43 -8.29
C MET A 100 9.79 4.88 -8.61
N LYS A 101 10.73 4.67 -7.69
CA LYS A 101 12.13 4.98 -7.94
C LYS A 101 12.67 4.24 -9.15
N ARG A 102 12.29 2.97 -9.32
CA ARG A 102 12.80 2.21 -10.45
C ARG A 102 12.23 2.74 -11.76
N VAL A 103 10.92 2.99 -11.81
CA VAL A 103 10.31 3.57 -13.00
C VAL A 103 11.02 4.86 -13.37
N LYS A 104 11.30 5.69 -12.37
CA LYS A 104 12.00 6.94 -12.62
C LYS A 104 13.40 6.71 -13.19
N GLU A 105 14.13 5.71 -12.69
CA GLU A 105 15.44 5.39 -13.27
C GLU A 105 15.33 5.10 -14.77
N VAL A 106 14.35 4.27 -15.16
CA VAL A 106 14.24 3.91 -16.57
C VAL A 106 13.88 5.13 -17.41
N VAL A 107 12.94 5.95 -16.92
CA VAL A 107 12.62 7.20 -17.61
C VAL A 107 13.87 8.05 -17.79
N ASP A 108 14.68 8.17 -16.73
CA ASP A 108 15.91 8.93 -16.81
C ASP A 108 16.83 8.37 -17.89
N TYR A 109 16.88 7.05 -18.02
CA TYR A 109 17.75 6.47 -19.05
C TYR A 109 17.32 6.94 -20.43
N VAL A 110 16.02 7.08 -20.64
CA VAL A 110 15.49 7.47 -21.94
C VAL A 110 15.76 8.94 -22.21
N VAL A 111 15.38 9.80 -21.28
CA VAL A 111 15.50 11.23 -21.53
C VAL A 111 16.96 11.68 -21.51
N ALA A 112 17.86 10.87 -20.94
CA ALA A 112 19.27 11.17 -21.03
C ALA A 112 19.76 11.22 -22.46
N GLN A 113 19.06 10.54 -23.38
CA GLN A 113 19.40 10.52 -24.79
C GLN A 113 18.63 11.57 -25.57
N ASP A 114 17.94 12.46 -24.89
CA ASP A 114 17.10 13.47 -25.51
C ASP A 114 16.01 12.84 -26.37
N MET A 115 15.57 11.64 -26.00
CA MET A 115 14.40 11.04 -26.60
C MET A 115 13.17 11.35 -25.75
N TYR A 116 12.00 11.35 -26.39
CA TYR A 116 10.74 11.39 -25.66
C TYR A 116 10.53 10.08 -24.92
N CYS A 117 9.78 10.15 -23.81
CA CYS A 117 9.44 8.98 -23.02
C CYS A 117 7.96 9.02 -22.67
N ILE A 118 7.22 7.97 -23.01
CA ILE A 118 5.83 7.81 -22.59
C ILE A 118 5.79 6.76 -21.48
N ILE A 119 5.15 7.09 -20.35
CA ILE A 119 4.86 6.10 -19.32
C ILE A 119 3.34 5.96 -19.21
N ASN A 120 2.86 4.75 -18.94
CA ASN A 120 1.42 4.50 -18.95
C ASN A 120 1.00 3.65 -17.74
N VAL A 121 -0.25 3.19 -17.81
CA VAL A 121 -0.85 2.20 -16.92
C VAL A 121 -1.25 1.05 -17.85
N HIS A 122 -0.56 -0.11 -17.73
CA HIS A 122 -0.53 -1.08 -18.81
C HIS A 122 -1.39 -2.27 -18.48
N HIS A 123 -0.85 -3.35 -17.87
CA HIS A 123 -1.65 -4.56 -17.63
C HIS A 123 -2.53 -4.47 -16.40
N ASP A 124 -2.68 -3.26 -15.88
CA ASP A 124 -3.85 -2.94 -15.07
C ASP A 124 -5.14 -3.00 -15.89
N THR A 125 -5.02 -2.91 -17.21
CA THR A 125 -6.08 -3.18 -18.18
C THR A 125 -5.81 -4.50 -18.88
N GLY A 126 -6.82 -4.99 -19.58
CA GLY A 126 -6.65 -6.04 -20.56
C GLY A 126 -7.55 -7.24 -20.35
N ALA A 127 -7.31 -8.27 -21.15
CA ALA A 127 -8.15 -9.45 -21.15
C ALA A 127 -7.85 -10.36 -19.96
N ASP A 128 -8.90 -10.71 -19.23
CA ASP A 128 -8.77 -11.68 -18.16
C ASP A 128 -8.28 -13.01 -18.71
N LYS A 129 -7.44 -13.69 -17.93
CA LYS A 129 -6.92 -15.00 -18.33
C LYS A 129 -6.40 -15.72 -17.11
N ASP A 130 -7.02 -16.85 -16.78
CA ASP A 130 -6.59 -17.71 -15.67
C ASP A 130 -6.58 -16.87 -14.39
N ALA A 131 -5.47 -16.77 -13.68
CA ALA A 131 -5.41 -16.03 -12.43
C ALA A 131 -5.41 -14.52 -12.63
N PHE A 132 -5.21 -14.05 -13.85
CA PHE A 132 -5.15 -12.62 -14.13
C PHE A 132 -6.56 -12.09 -14.42
N LYS A 133 -6.97 -11.09 -13.65
CA LYS A 133 -8.21 -10.36 -13.93
C LYS A 133 -7.87 -8.87 -13.84
N SER A 134 -7.96 -8.16 -14.96
CA SER A 134 -7.58 -6.75 -14.96
C SER A 134 -8.57 -5.95 -14.11
N TRP A 135 -8.05 -4.95 -13.40
CA TRP A 135 -8.89 -4.19 -12.49
C TRP A 135 -9.51 -2.94 -13.13
N ILE A 136 -8.92 -2.43 -14.21
CA ILE A 136 -9.45 -1.28 -14.93
C ILE A 136 -10.21 -1.85 -16.13
N LYS A 137 -11.53 -1.72 -16.13
CA LYS A 137 -12.35 -2.24 -17.22
C LYS A 137 -13.26 -1.17 -17.79
N ALA A 138 -13.53 -1.29 -19.10
CA ALA A 138 -14.44 -0.41 -19.81
C ALA A 138 -15.86 -0.87 -19.52
N ASP A 139 -16.31 -0.54 -18.31
CA ASP A 139 -17.59 -0.95 -17.76
C ASP A 139 -17.93 0.14 -16.76
N GLU A 140 -19.08 0.80 -16.92
CA GLU A 140 -19.34 1.99 -16.13
C GLU A 140 -19.44 1.68 -14.64
N ALA A 141 -19.91 0.49 -14.27
CA ALA A 141 -19.88 0.12 -12.85
C ALA A 141 -18.45 -0.03 -12.33
N ASN A 142 -17.57 -0.61 -13.15
CA ASN A 142 -16.16 -0.68 -12.77
C ASN A 142 -15.57 0.72 -12.62
N TYR A 143 -15.86 1.61 -13.58
CA TYR A 143 -15.39 2.98 -13.48
C TYR A 143 -15.88 3.63 -12.19
N ASN A 144 -17.18 3.55 -11.89
CA ASN A 144 -17.68 4.21 -10.70
C ASN A 144 -17.00 3.66 -9.45
N GLN A 145 -16.74 2.36 -9.44
CA GLN A 145 -16.14 1.73 -8.27
C GLN A 145 -14.68 2.14 -8.09
N ASN A 146 -13.94 2.23 -9.19
CA ASN A 146 -12.48 2.36 -9.16
C ASN A 146 -11.98 3.77 -9.47
N LYS A 147 -12.88 4.71 -9.75
N LYS A 147 -12.88 4.72 -9.74
CA LYS A 147 -12.49 6.08 -10.09
CA LYS A 147 -12.48 6.08 -10.08
C LYS A 147 -11.52 6.65 -9.04
C LYS A 147 -11.53 6.66 -9.04
N ALA A 148 -11.86 6.52 -7.76
CA ALA A 148 -11.04 7.12 -6.72
C ALA A 148 -9.63 6.53 -6.70
N LYS A 149 -9.52 5.21 -6.80
CA LYS A 149 -8.21 4.57 -6.77
C LYS A 149 -7.39 4.93 -8.01
N TYR A 150 -8.05 4.93 -9.18
CA TYR A 150 -7.39 5.29 -10.43
C TYR A 150 -6.89 6.73 -10.41
N GLU A 151 -7.72 7.66 -9.94
CA GLU A 151 -7.27 9.04 -9.79
C GLU A 151 -6.09 9.14 -8.82
N TYR A 152 -6.14 8.39 -7.71
CA TYR A 152 -5.02 8.43 -6.75
C TYR A 152 -3.74 7.90 -7.38
N LEU A 153 -3.84 6.83 -8.16
CA LEU A 153 -2.67 6.32 -8.88
C LEU A 153 -2.07 7.40 -9.79
N TRP A 154 -2.89 8.07 -10.58
CA TRP A 154 -2.38 9.10 -11.47
C TRP A 154 -1.86 10.32 -10.72
N ARG A 155 -2.48 10.68 -9.58
CA ARG A 155 -1.89 11.75 -8.80
C ARG A 155 -0.48 11.39 -8.35
N GLN A 156 -0.28 10.14 -7.95
CA GLN A 156 1.05 9.72 -7.48
C GLN A 156 2.07 9.75 -8.61
N ILE A 157 1.71 9.19 -9.77
CA ILE A 157 2.63 9.21 -10.90
C ILE A 157 2.92 10.66 -11.29
N ALA A 158 1.87 11.46 -11.42
CA ALA A 158 2.04 12.85 -11.82
C ALA A 158 2.94 13.61 -10.85
N GLU A 159 2.76 13.41 -9.54
CA GLU A 159 3.63 14.06 -8.58
C GLU A 159 5.08 13.64 -8.75
N ALA A 160 5.31 12.34 -8.96
CA ALA A 160 6.68 11.86 -9.06
C ALA A 160 7.41 12.50 -10.24
N PHE A 161 6.70 12.68 -11.34
CA PHE A 161 7.29 13.16 -12.59
C PHE A 161 6.99 14.63 -12.88
N LYS A 162 6.48 15.36 -11.88
CA LYS A 162 6.02 16.73 -12.10
C LYS A 162 7.11 17.66 -12.65
N ASP A 163 8.36 17.51 -12.17
CA ASP A 163 9.42 18.45 -12.52
C ASP A 163 10.11 18.14 -13.85
N TYR A 164 9.71 17.07 -14.53
CA TYR A 164 10.29 16.78 -15.84
C TYR A 164 9.72 17.74 -16.89
N GLY A 165 10.54 18.05 -17.90
CA GLY A 165 10.10 18.84 -19.02
C GLY A 165 9.26 18.06 -20.01
N ASP A 166 9.10 18.64 -21.19
CA ASP A 166 8.09 18.16 -22.13
C ASP A 166 8.49 16.89 -22.87
N LYS A 167 9.68 16.35 -22.64
CA LYS A 167 10.02 15.06 -23.23
C LYS A 167 9.28 13.90 -22.55
N VAL A 168 8.72 14.12 -21.36
CA VAL A 168 7.99 13.07 -20.64
C VAL A 168 6.49 13.30 -20.84
N LEU A 169 5.83 12.27 -21.37
CA LEU A 169 4.38 12.25 -21.59
C LEU A 169 3.77 11.13 -20.78
N PHE A 170 2.49 11.31 -20.40
CA PHE A 170 1.75 10.28 -19.68
C PHE A 170 0.61 9.76 -20.55
N GLU A 171 0.34 8.45 -20.45
CA GLU A 171 -0.71 7.76 -21.19
C GLU A 171 -1.68 7.12 -20.22
N SER A 172 -2.98 7.41 -20.40
CA SER A 172 -4.01 7.14 -19.41
C SER A 172 -4.12 5.67 -19.00
N TYR A 173 -4.17 4.77 -19.97
CA TYR A 173 -4.46 3.34 -19.78
C TYR A 173 -4.15 2.69 -21.13
N ASN A 174 -3.85 1.39 -21.11
CA ASN A 174 -3.36 0.71 -22.31
C ASN A 174 -4.46 0.17 -23.22
N GLU A 175 -5.01 -1.01 -22.92
CA GLU A 175 -5.98 -1.70 -23.76
C GLU A 175 -7.15 -2.09 -22.87
N MET A 176 -8.02 -1.12 -22.59
CA MET A 176 -9.13 -1.33 -21.68
C MET A 176 -10.28 -1.99 -22.43
N LEU A 177 -10.78 -3.09 -21.88
CA LEU A 177 -11.83 -3.90 -22.48
C LEU A 177 -13.06 -3.94 -21.58
N ASP A 178 -14.19 -4.31 -22.17
CA ASP A 178 -15.42 -4.51 -21.41
C ASP A 178 -15.30 -5.78 -20.57
N LYS A 179 -16.35 -6.07 -19.81
CA LYS A 179 -16.28 -7.22 -18.92
C LYS A 179 -16.31 -8.54 -19.66
N LEU A 180 -16.59 -8.52 -20.96
CA LEU A 180 -16.55 -9.70 -21.82
C LEU A 180 -15.21 -9.84 -22.52
N ASN A 181 -14.27 -8.92 -22.23
CA ASN A 181 -12.95 -8.92 -22.84
C ASN A 181 -13.04 -8.81 -24.36
N SER A 182 -13.96 -7.96 -24.83
CA SER A 182 -14.18 -7.82 -26.26
C SER A 182 -13.04 -7.03 -26.92
N TRP A 183 -12.45 -7.62 -27.96
CA TRP A 183 -11.59 -6.88 -28.86
C TRP A 183 -12.42 -6.20 -29.95
N CYS A 184 -11.76 -5.36 -30.75
CA CYS A 184 -12.31 -4.77 -31.97
C CYS A 184 -13.25 -3.61 -31.68
N PHE A 185 -14.29 -3.86 -30.88
CA PHE A 185 -15.21 -2.81 -30.45
C PHE A 185 -15.96 -3.32 -29.22
N ALA A 186 -16.48 -2.38 -28.43
CA ALA A 186 -17.14 -2.76 -27.20
C ALA A 186 -18.35 -3.65 -27.48
N SER A 187 -18.43 -4.77 -26.75
CA SER A 187 -19.49 -5.79 -26.79
C SER A 187 -19.38 -6.79 -27.94
N PHE A 188 -18.29 -6.77 -28.71
CA PHE A 188 -18.08 -7.74 -29.79
C PHE A 188 -18.16 -9.18 -29.30
N ALA A 189 -17.76 -9.43 -28.05
CA ALA A 189 -17.75 -10.79 -27.52
C ALA A 189 -19.10 -11.21 -26.94
N ALA A 190 -20.11 -10.35 -27.00
CA ALA A 190 -21.42 -10.71 -26.51
C ALA A 190 -22.12 -11.68 -27.46
N SER A 191 -23.20 -12.29 -26.98
CA SER A 191 -24.06 -13.06 -27.85
C SER A 191 -24.47 -12.21 -29.06
N GLY A 192 -24.41 -12.81 -30.24
CA GLY A 192 -24.76 -12.09 -31.45
C GLY A 192 -23.79 -11.02 -31.85
N GLN A 193 -22.64 -10.93 -31.18
N GLN A 193 -22.64 -10.93 -31.18
CA GLN A 193 -21.57 -9.99 -31.49
CA GLN A 193 -21.58 -9.98 -31.50
C GLN A 193 -21.93 -8.54 -31.17
C GLN A 193 -21.93 -8.54 -31.17
N TYR A 194 -22.95 -8.31 -30.35
CA TYR A 194 -23.28 -6.97 -29.90
C TYR A 194 -24.22 -7.00 -28.70
N ASP A 195 -24.03 -6.03 -27.81
CA ASP A 195 -24.92 -5.81 -26.65
C ASP A 195 -24.87 -4.31 -26.40
N ALA A 196 -25.96 -3.61 -26.76
CA ALA A 196 -25.95 -2.15 -26.72
C ALA A 196 -25.76 -1.64 -25.30
N THR A 197 -26.32 -2.35 -24.31
CA THR A 197 -26.14 -1.95 -22.92
C THR A 197 -24.67 -1.98 -22.53
N VAL A 198 -24.01 -3.07 -22.90
CA VAL A 198 -22.58 -3.19 -22.61
C VAL A 198 -21.77 -2.17 -23.39
N ALA A 199 -22.08 -1.98 -24.68
CA ALA A 199 -21.31 -1.05 -25.49
C ALA A 199 -21.41 0.37 -24.94
N THR A 200 -22.64 0.81 -24.63
CA THR A 200 -22.84 2.16 -24.11
C THR A 200 -22.12 2.34 -22.78
N SER A 201 -22.16 1.31 -21.92
CA SER A 201 -21.47 1.35 -20.65
C SER A 201 -19.97 1.49 -20.87
N ALA A 202 -19.45 0.77 -21.87
CA ALA A 202 -18.02 0.71 -22.11
C ALA A 202 -17.47 2.06 -22.55
N TYR A 203 -18.17 2.74 -23.47
CA TYR A 203 -17.68 4.05 -23.91
C TYR A 203 -17.85 5.10 -22.83
N ASN A 204 -18.91 5.02 -22.02
CA ASN A 204 -18.99 5.91 -20.87
C ASN A 204 -17.81 5.71 -19.92
N ALA A 205 -17.41 4.44 -19.71
CA ALA A 205 -16.28 4.15 -18.82
C ALA A 205 -14.95 4.64 -19.40
N ILE A 206 -14.71 4.37 -20.69
CA ILE A 206 -13.52 4.89 -21.35
C ILE A 206 -13.45 6.40 -21.15
N ASN A 207 -14.56 7.09 -21.44
CA ASN A 207 -14.55 8.54 -21.37
C ASN A 207 -14.40 9.02 -19.93
N GLY A 208 -14.96 8.27 -18.98
CA GLY A 208 -14.79 8.61 -17.58
C GLY A 208 -13.36 8.45 -17.11
N TYR A 209 -12.72 7.32 -17.44
CA TYR A 209 -11.32 7.14 -17.07
C TYR A 209 -10.44 8.21 -17.72
N ALA A 210 -10.73 8.55 -18.98
CA ALA A 210 -9.97 9.60 -19.66
C ALA A 210 -10.07 10.94 -18.93
N ARG A 211 -11.29 11.33 -18.54
CA ARG A 211 -11.52 12.54 -17.76
C ARG A 211 -10.80 12.48 -16.42
N SER A 212 -10.94 11.34 -15.73
CA SER A 212 -10.31 11.19 -14.43
C SER A 212 -8.81 11.34 -14.52
N PHE A 213 -8.20 10.74 -15.55
CA PHE A 213 -6.76 10.84 -15.78
C PHE A 213 -6.33 12.28 -15.96
N VAL A 214 -6.99 12.99 -16.89
CA VAL A 214 -6.59 14.37 -17.15
C VAL A 214 -6.77 15.21 -15.89
N ASN A 215 -7.91 15.08 -15.23
CA ASN A 215 -8.18 15.90 -14.05
C ASN A 215 -7.17 15.61 -12.95
N ALA A 216 -6.83 14.33 -12.74
CA ALA A 216 -5.89 14.00 -11.68
C ALA A 216 -4.51 14.56 -11.99
N VAL A 217 -4.08 14.44 -13.25
CA VAL A 217 -2.75 14.90 -13.60
C VAL A 217 -2.68 16.43 -13.54
N ARG A 218 -3.61 17.10 -14.21
CA ARG A 218 -3.55 18.56 -14.25
C ARG A 218 -3.74 19.16 -12.87
N GLY A 219 -4.49 18.47 -12.00
CA GLY A 219 -4.73 18.96 -10.65
C GLY A 219 -3.51 19.00 -9.76
N THR A 220 -2.45 18.29 -10.13
CA THR A 220 -1.23 18.36 -9.34
C THR A 220 -0.44 19.63 -9.58
N GLY A 221 -0.78 20.41 -10.61
CA GLY A 221 -0.21 21.72 -10.80
C GLY A 221 1.13 21.76 -11.49
N GLY A 222 1.72 22.95 -11.49
CA GLY A 222 3.04 23.13 -12.05
C GLY A 222 3.07 22.71 -13.51
N ASN A 223 4.17 22.05 -13.89
CA ASN A 223 4.33 21.62 -15.28
C ASN A 223 3.21 20.70 -15.74
N ASN A 224 2.55 20.02 -14.81
CA ASN A 224 1.54 19.05 -15.22
C ASN A 224 0.30 19.73 -15.76
N VAL A 225 0.18 21.05 -15.62
CA VAL A 225 -0.90 21.78 -16.26
C VAL A 225 -0.72 21.84 -17.77
N ARG A 226 0.52 21.73 -18.26
N ARG A 226 0.52 21.73 -18.26
CA ARG A 226 0.82 21.85 -19.67
CA ARG A 226 0.82 21.86 -19.67
C ARG A 226 1.47 20.61 -20.26
C ARG A 226 1.45 20.61 -20.27
N ARG A 227 1.73 19.58 -19.47
CA ARG A 227 2.34 18.36 -20.00
C ARG A 227 1.46 17.76 -21.08
N ASN A 228 2.10 17.17 -22.08
CA ASN A 228 1.35 16.50 -23.14
C ASN A 228 0.91 15.13 -22.65
N LEU A 229 -0.41 14.91 -22.70
CA LEU A 229 -1.05 13.73 -22.18
C LEU A 229 -1.75 12.98 -23.30
N ILE A 230 -1.92 11.69 -23.10
CA ILE A 230 -2.39 10.78 -24.16
C ILE A 230 -3.53 9.95 -23.59
N VAL A 231 -4.64 9.87 -24.32
CA VAL A 231 -5.77 9.02 -23.95
C VAL A 231 -5.98 7.99 -25.06
N ASN A 232 -6.28 6.75 -24.68
CA ASN A 232 -6.41 5.65 -25.61
C ASN A 232 -7.88 5.33 -25.90
N THR A 233 -8.12 4.84 -27.11
CA THR A 233 -9.46 4.38 -27.44
C THR A 233 -9.74 3.07 -26.71
N TYR A 234 -11.02 2.70 -26.67
CA TYR A 234 -11.45 1.35 -26.27
C TYR A 234 -10.54 0.31 -26.90
N ALA A 235 -9.93 -0.54 -26.08
CA ALA A 235 -9.05 -1.64 -26.51
C ALA A 235 -7.81 -1.17 -27.27
N ALA A 236 -7.54 0.14 -27.30
CA ALA A 236 -6.58 0.71 -28.25
C ALA A 236 -6.94 0.32 -29.70
N ALA A 237 -8.22 0.03 -29.94
CA ALA A 237 -8.68 -0.31 -31.27
C ALA A 237 -8.56 0.89 -32.20
N ASN A 238 -8.30 0.62 -33.48
CA ASN A 238 -7.94 1.68 -34.42
C ASN A 238 -9.00 1.97 -35.47
N GLY A 239 -10.15 1.29 -35.43
CA GLY A 239 -11.25 1.57 -36.32
C GLY A 239 -11.15 1.00 -37.70
N SER A 240 -10.05 0.35 -38.08
CA SER A 240 -9.89 -0.05 -39.47
C SER A 240 -10.79 -1.23 -39.83
N GLY A 241 -11.12 -1.32 -41.10
CA GLY A 241 -11.95 -2.40 -41.61
C GLY A 241 -13.39 -1.97 -41.78
N ASN A 242 -14.12 -2.74 -42.61
CA ASN A 242 -15.54 -2.51 -42.86
C ASN A 242 -16.37 -3.75 -42.59
N TRP A 243 -15.78 -4.79 -41.97
CA TRP A 243 -16.44 -6.09 -41.84
C TRP A 243 -17.53 -6.11 -40.78
N ASN A 244 -17.64 -5.06 -39.97
CA ASN A 244 -18.71 -4.92 -38.99
C ASN A 244 -19.00 -3.44 -38.88
N ALA A 245 -20.28 -3.09 -38.78
CA ALA A 245 -20.68 -1.69 -38.72
C ALA A 245 -20.29 -0.97 -37.45
N HIS A 246 -19.75 -1.68 -36.44
CA HIS A 246 -19.34 -1.05 -35.18
C HIS A 246 -17.85 -0.80 -35.10
N LEU A 247 -17.09 -1.10 -36.15
CA LEU A 247 -15.64 -1.00 -36.05
C LEU A 247 -15.17 0.42 -35.80
N LYS A 248 -15.92 1.43 -36.25
CA LYS A 248 -15.47 2.80 -35.98
C LYS A 248 -15.90 3.30 -34.62
N ASP A 249 -16.76 2.57 -33.90
CA ASP A 249 -17.27 3.09 -32.63
C ASP A 249 -16.16 3.44 -31.63
N PRO A 250 -15.07 2.67 -31.47
CA PRO A 250 -13.99 3.11 -30.56
C PRO A 250 -13.43 4.48 -30.91
N LEU A 251 -13.49 4.86 -32.19
CA LEU A 251 -13.02 6.19 -32.58
C LEU A 251 -14.11 7.25 -32.40
N SER A 252 -15.32 6.97 -32.87
CA SER A 252 -16.35 7.99 -32.89
C SER A 252 -16.97 8.22 -31.52
N LYS A 253 -16.86 7.25 -30.61
CA LYS A 253 -17.46 7.34 -29.30
C LYS A 253 -16.48 7.80 -28.22
N LEU A 254 -15.25 8.13 -28.60
CA LEU A 254 -14.29 8.70 -27.66
C LEU A 254 -14.57 10.18 -27.50
N VAL A 255 -14.62 10.64 -26.25
CA VAL A 255 -14.84 12.04 -25.94
C VAL A 255 -13.55 12.60 -25.35
N ILE A 256 -13.02 13.63 -25.99
CA ILE A 256 -11.84 14.31 -25.46
C ILE A 256 -12.24 15.06 -24.20
N PRO A 257 -11.54 14.89 -23.07
CA PRO A 257 -11.99 15.54 -21.83
C PRO A 257 -12.07 17.05 -21.95
N GLN A 258 -13.04 17.59 -21.23
CA GLN A 258 -13.25 19.03 -21.19
C GLN A 258 -11.97 19.73 -20.76
N GLY A 259 -11.68 20.85 -21.42
CA GLY A 259 -10.55 21.66 -21.10
C GLY A 259 -9.31 21.35 -21.90
N GLU A 260 -9.30 20.23 -22.62
CA GLU A 260 -8.12 19.82 -23.38
C GLU A 260 -8.20 20.37 -24.80
N ARG A 261 -7.04 20.79 -25.32
CA ARG A 261 -6.98 21.27 -26.69
C ARG A 261 -5.57 21.13 -27.28
N ASP A 262 -4.58 21.78 -26.65
CA ASP A 262 -3.25 21.87 -27.23
C ASP A 262 -2.25 20.89 -26.64
N HIS A 263 -2.62 20.15 -25.61
CA HIS A 263 -1.70 19.26 -24.90
C HIS A 263 -2.30 17.89 -24.70
N ILE A 264 -3.05 17.42 -25.70
CA ILE A 264 -3.72 16.13 -25.66
C ILE A 264 -3.53 15.41 -26.99
N ALA A 265 -3.29 14.10 -26.90
CA ALA A 265 -3.18 13.22 -28.06
C ALA A 265 -4.01 11.98 -27.82
N VAL A 266 -4.38 11.30 -28.91
CA VAL A 266 -5.14 10.06 -28.86
C VAL A 266 -4.25 8.92 -29.34
N GLN A 267 -4.32 7.78 -28.67
CA GLN A 267 -3.50 6.63 -29.04
C GLN A 267 -4.34 5.42 -29.39
N VAL A 268 -3.89 4.73 -30.45
CA VAL A 268 -4.40 3.44 -30.87
C VAL A 268 -3.19 2.53 -31.10
N HIS A 269 -3.47 1.23 -31.22
CA HIS A 269 -2.46 0.24 -31.59
C HIS A 269 -2.86 -0.39 -32.92
N ALA A 270 -1.87 -0.94 -33.64
CA ALA A 270 -2.16 -1.53 -34.94
C ALA A 270 -1.22 -2.69 -35.22
N TYR A 271 -1.81 -3.86 -35.47
CA TYR A 271 -1.07 -5.06 -35.87
C TYR A 271 -1.72 -5.64 -37.11
N PRO A 272 -1.54 -4.97 -38.25
CA PRO A 272 -2.25 -5.40 -39.47
C PRO A 272 -1.81 -6.77 -39.94
N THR A 273 -2.71 -7.45 -40.63
CA THR A 273 -2.39 -8.72 -41.25
C THR A 273 -1.75 -8.46 -42.62
N ILE A 274 -0.57 -9.02 -42.83
CA ILE A 274 0.08 -8.97 -44.15
C ILE A 274 0.18 -10.34 -44.80
N ALA A 275 0.14 -11.42 -44.04
CA ALA A 275 0.21 -12.74 -44.64
C ALA A 275 -0.98 -13.00 -45.55
N GLY A 276 -0.71 -13.52 -46.74
CA GLY A 276 -1.73 -13.81 -47.72
C GLY A 276 -2.15 -12.62 -48.56
N LYS A 277 -1.50 -11.48 -48.39
CA LYS A 277 -1.85 -10.27 -49.12
C LYS A 277 -0.71 -9.83 -50.01
N THR A 278 -1.07 -9.12 -51.07
CA THR A 278 -0.08 -8.48 -51.92
C THR A 278 0.30 -7.15 -51.29
N ILE A 279 1.46 -6.62 -51.69
CA ILE A 279 1.88 -5.35 -51.12
C ILE A 279 0.91 -4.23 -51.52
N SER A 280 0.32 -4.31 -52.70
CA SER A 280 -0.68 -3.32 -53.07
C SER A 280 -1.86 -3.33 -52.10
N ALA A 281 -2.36 -4.53 -51.76
CA ALA A 281 -3.48 -4.62 -50.83
C ALA A 281 -3.08 -4.11 -49.45
N ILE A 282 -1.85 -4.40 -49.02
CA ILE A 282 -1.36 -3.96 -47.72
C ILE A 282 -1.32 -2.43 -47.65
N ARG A 283 -0.80 -1.79 -48.71
CA ARG A 283 -0.77 -0.33 -48.74
C ARG A 283 -2.17 0.26 -48.64
N THR A 284 -3.13 -0.36 -49.34
CA THR A 284 -4.52 0.09 -49.25
C THR A 284 -5.08 -0.08 -47.85
N ASP A 285 -4.78 -1.20 -47.18
CA ASP A 285 -5.22 -1.40 -45.81
C ASP A 285 -4.63 -0.34 -44.90
N THR A 286 -3.35 -0.03 -45.09
CA THR A 286 -2.73 1.01 -44.26
C THR A 286 -3.37 2.37 -44.53
N ARG A 287 -3.66 2.67 -45.80
CA ARG A 287 -4.33 3.92 -46.13
C ARG A 287 -5.70 4.01 -45.46
N ASP A 288 -6.42 2.89 -45.40
CA ASP A 288 -7.73 2.89 -44.75
C ASP A 288 -7.59 3.13 -43.25
N LEU A 289 -6.61 2.47 -42.62
CA LEU A 289 -6.34 2.71 -41.21
C LEU A 289 -6.05 4.18 -40.96
N MET A 290 -5.13 4.76 -41.74
CA MET A 290 -4.77 6.15 -41.51
C MET A 290 -5.94 7.08 -41.79
N ASN A 291 -6.78 6.74 -42.77
N ASN A 291 -6.77 6.75 -42.79
CA ASN A 291 -7.91 7.61 -43.09
CA ASN A 291 -7.92 7.60 -43.12
C ASN A 291 -8.85 7.74 -41.91
C ASN A 291 -8.86 7.74 -41.93
N GLY A 292 -9.12 6.64 -41.21
CA GLY A 292 -10.01 6.71 -40.05
C GLY A 292 -9.44 7.58 -38.95
N LEU A 293 -8.14 7.43 -38.71
CA LEU A 293 -7.48 8.27 -37.70
C LEU A 293 -7.52 9.74 -38.11
N ASN A 294 -7.39 10.01 -39.41
CA ASN A 294 -7.50 11.38 -39.88
C ASN A 294 -8.92 11.90 -39.71
N THR A 295 -9.91 11.10 -40.11
CA THR A 295 -11.31 11.55 -40.04
C THR A 295 -11.70 11.95 -38.62
N TYR A 296 -11.40 11.10 -37.63
CA TYR A 296 -11.92 11.33 -36.30
C TYR A 296 -11.03 12.21 -35.44
N PHE A 297 -9.72 12.25 -35.71
CA PHE A 297 -8.78 12.96 -34.84
C PHE A 297 -7.92 13.99 -35.57
N VAL A 298 -7.03 13.55 -36.47
CA VAL A 298 -6.00 14.45 -36.99
C VAL A 298 -6.63 15.65 -37.71
N SER A 299 -7.67 15.41 -38.52
CA SER A 299 -8.32 16.49 -39.26
C SER A 299 -9.00 17.48 -38.33
N LYS A 300 -9.27 17.10 -37.08
CA LYS A 300 -9.85 17.99 -36.09
C LYS A 300 -8.81 18.63 -35.18
N GLY A 301 -7.54 18.45 -35.47
CA GLY A 301 -6.49 19.03 -34.64
C GLY A 301 -6.15 18.24 -33.41
N ILE A 302 -6.50 16.96 -33.39
CA ILE A 302 -6.15 16.05 -32.31
C ILE A 302 -5.08 15.10 -32.86
N PRO A 303 -3.84 15.21 -32.42
CA PRO A 303 -2.79 14.34 -32.96
C PRO A 303 -2.92 12.91 -32.45
N VAL A 304 -2.40 11.98 -33.24
CA VAL A 304 -2.54 10.56 -32.95
C VAL A 304 -1.18 9.90 -32.84
N ILE A 305 -1.08 8.99 -31.87
CA ILE A 305 0.08 8.13 -31.69
C ILE A 305 -0.38 6.69 -31.91
N ILE A 306 0.31 5.98 -32.80
CA ILE A 306 0.16 4.52 -32.93
C ILE A 306 1.21 3.95 -31.98
N GLY A 307 0.77 3.70 -30.74
CA GLY A 307 1.71 3.44 -29.66
C GLY A 307 2.24 2.04 -29.60
N GLU A 308 1.66 1.13 -30.38
CA GLU A 308 2.24 -0.18 -30.62
C GLU A 308 1.90 -0.56 -32.06
N TRP A 309 2.90 -1.09 -32.77
CA TRP A 309 2.61 -1.73 -34.05
C TRP A 309 3.65 -2.81 -34.34
N SER A 310 3.24 -3.71 -35.24
CA SER A 310 4.03 -4.76 -35.87
C SER A 310 3.02 -5.38 -36.85
N THR A 311 3.18 -6.65 -37.20
CA THR A 311 2.18 -7.33 -38.00
C THR A 311 1.39 -8.28 -37.11
N SER A 312 0.34 -8.87 -37.69
CA SER A 312 -0.55 -9.71 -36.92
C SER A 312 0.13 -10.96 -36.38
N ASN A 313 1.25 -11.37 -36.96
CA ASN A 313 1.96 -12.56 -36.52
C ASN A 313 3.12 -12.25 -35.58
N VAL A 314 3.17 -11.05 -35.01
CA VAL A 314 4.25 -10.67 -34.11
C VAL A 314 4.46 -11.70 -33.00
N ASP A 315 3.38 -12.27 -32.48
CA ASP A 315 3.46 -13.20 -31.35
C ASP A 315 3.22 -14.65 -31.77
N ALA A 316 3.18 -14.93 -33.07
CA ALA A 316 2.89 -16.27 -33.53
C ALA A 316 4.15 -17.14 -33.49
N LYS A 317 3.94 -18.45 -33.54
CA LYS A 317 5.11 -19.34 -33.52
C LYS A 317 5.98 -19.11 -34.76
N GLU A 318 5.35 -18.76 -35.88
CA GLU A 318 6.08 -18.34 -37.08
C GLU A 318 5.72 -16.89 -37.34
N THR A 319 6.67 -15.97 -37.11
CA THR A 319 6.38 -14.57 -37.30
C THR A 319 6.52 -14.20 -38.78
N ASP A 320 6.03 -13.01 -39.13
CA ASP A 320 6.24 -12.52 -40.50
C ASP A 320 7.70 -12.13 -40.73
N TYR A 321 8.42 -11.74 -39.68
CA TYR A 321 9.84 -11.47 -39.84
C TYR A 321 10.60 -12.70 -40.35
N ASP A 322 10.21 -13.88 -39.89
CA ASP A 322 10.83 -15.11 -40.33
C ASP A 322 10.25 -15.60 -41.65
N ALA A 323 8.93 -15.52 -41.82
CA ALA A 323 8.28 -16.20 -42.92
C ALA A 323 8.20 -15.38 -44.20
N ARG A 324 8.13 -14.05 -44.09
CA ARG A 324 7.92 -13.16 -45.24
C ARG A 324 8.60 -11.83 -44.96
N LYS A 325 9.92 -11.89 -44.75
CA LYS A 325 10.66 -10.73 -44.24
C LYS A 325 10.61 -9.57 -45.21
N SER A 326 10.81 -9.82 -46.50
CA SER A 326 10.79 -8.72 -47.46
C SER A 326 9.41 -8.06 -47.51
N LEU A 327 8.34 -8.85 -47.53
CA LEU A 327 7.00 -8.26 -47.51
C LEU A 327 6.80 -7.44 -46.24
N MET A 328 7.31 -7.95 -45.11
CA MET A 328 7.22 -7.20 -43.87
C MET A 328 7.95 -5.86 -43.97
N PHE A 329 9.15 -5.88 -44.56
CA PHE A 329 9.92 -4.65 -44.72
C PHE A 329 9.24 -3.67 -45.67
N GLN A 330 8.59 -4.18 -46.73
N GLN A 330 8.61 -4.17 -46.74
CA GLN A 330 7.82 -3.29 -47.60
CA GLN A 330 7.82 -3.28 -47.60
C GLN A 330 6.64 -2.69 -46.86
C GLN A 330 6.67 -2.66 -46.82
N PHE A 331 6.03 -3.48 -45.98
CA PHE A 331 4.95 -2.97 -45.13
C PHE A 331 5.47 -1.87 -44.21
N VAL A 332 6.62 -2.13 -43.55
CA VAL A 332 7.26 -1.14 -42.67
C VAL A 332 7.47 0.17 -43.41
N ASP A 333 8.11 0.10 -44.58
CA ASP A 333 8.42 1.32 -45.32
C ASP A 333 7.16 2.16 -45.50
N ASP A 334 6.07 1.54 -45.95
CA ASP A 334 4.86 2.28 -46.28
C ASP A 334 4.11 2.73 -45.02
N PHE A 335 4.07 1.89 -43.99
CA PHE A 335 3.36 2.23 -42.76
C PHE A 335 3.98 3.45 -42.10
N VAL A 336 5.31 3.46 -41.98
CA VAL A 336 5.99 4.60 -41.39
C VAL A 336 5.77 5.85 -42.25
N ALA A 337 5.87 5.70 -43.57
CA ALA A 337 5.71 6.83 -44.47
C ALA A 337 4.30 7.41 -44.40
N GLN A 338 3.28 6.54 -44.45
CA GLN A 338 1.92 7.05 -44.42
C GLN A 338 1.64 7.76 -43.09
N ALA A 339 2.13 7.19 -41.99
CA ALA A 339 1.99 7.85 -40.69
C ALA A 339 2.69 9.19 -40.68
N LYS A 340 3.91 9.25 -41.21
CA LYS A 340 4.68 10.49 -41.18
C LYS A 340 3.97 11.61 -41.95
N ALA A 341 3.37 11.27 -43.09
CA ALA A 341 2.68 12.28 -43.88
C ALA A 341 1.53 12.92 -43.13
N LEU A 342 0.91 12.19 -42.20
CA LEU A 342 -0.18 12.70 -41.38
C LEU A 342 0.29 13.26 -40.04
N GLY A 343 1.57 13.20 -39.74
CA GLY A 343 2.06 13.64 -38.43
C GLY A 343 1.74 12.69 -37.31
N ILE A 344 1.57 11.39 -37.60
CA ILE A 344 1.26 10.35 -36.63
C ILE A 344 2.55 9.64 -36.25
N ALA A 345 2.83 9.55 -34.95
CA ALA A 345 4.03 8.86 -34.49
C ALA A 345 3.74 7.38 -34.31
N THR A 346 4.75 6.55 -34.60
CA THR A 346 4.64 5.10 -34.47
C THR A 346 5.68 4.59 -33.48
N PHE A 347 5.27 3.57 -32.68
CA PHE A 347 6.15 2.94 -31.69
C PHE A 347 6.12 1.42 -31.92
N TYR A 348 7.22 0.87 -32.44
CA TYR A 348 7.28 -0.57 -32.74
C TYR A 348 7.25 -1.41 -31.47
N TRP A 349 6.55 -2.55 -31.51
CA TRP A 349 6.38 -3.40 -30.32
C TRP A 349 7.53 -4.40 -30.21
N MET A 350 8.43 -4.21 -29.25
CA MET A 350 9.48 -5.17 -28.89
C MET A 350 10.33 -5.53 -30.10
N GLY A 351 10.79 -6.77 -30.18
CA GLY A 351 11.78 -7.10 -31.17
C GLY A 351 12.94 -6.15 -31.04
N LEU A 352 13.68 -6.01 -32.13
CA LEU A 352 14.80 -5.09 -32.31
C LEU A 352 15.98 -5.43 -31.39
N SER A 353 15.83 -5.21 -30.09
CA SER A 353 16.82 -5.61 -29.08
C SER A 353 16.05 -6.27 -27.95
N ASP A 354 16.20 -7.59 -27.82
CA ASP A 354 15.31 -8.38 -26.99
C ASP A 354 16.11 -9.27 -26.07
N GLY A 355 15.61 -9.46 -24.86
CA GLY A 355 16.24 -10.42 -23.98
C GLY A 355 17.65 -10.01 -23.66
N ALA A 356 18.55 -11.01 -23.60
CA ALA A 356 19.93 -10.74 -23.22
C ALA A 356 20.61 -9.79 -24.19
N SER A 357 20.08 -9.62 -25.41
CA SER A 357 20.68 -8.70 -26.36
C SER A 357 20.65 -7.27 -25.82
N ARG A 358 19.63 -6.94 -25.02
CA ARG A 358 19.55 -5.59 -24.47
C ARG A 358 20.71 -5.28 -23.53
N THR A 359 21.25 -6.29 -22.86
CA THR A 359 22.32 -6.09 -21.89
C THR A 359 23.65 -5.78 -22.57
N MET A 360 23.77 -6.11 -23.86
CA MET A 360 25.08 -5.97 -24.51
C MET A 360 25.51 -4.52 -24.61
N PRO A 361 24.75 -3.60 -25.21
CA PRO A 361 23.51 -3.80 -25.96
C PRO A 361 23.78 -4.12 -27.43
N SER A 362 22.80 -4.77 -28.07
CA SER A 362 22.95 -5.17 -29.46
C SER A 362 21.55 -5.39 -30.02
N PHE A 363 21.38 -5.11 -31.30
CA PHE A 363 20.15 -5.46 -31.99
C PHE A 363 20.21 -6.93 -32.43
N ASN A 364 19.26 -7.73 -31.98
CA ASN A 364 19.08 -9.06 -32.56
C ASN A 364 18.20 -9.03 -33.80
N GLN A 365 17.54 -7.91 -34.09
CA GLN A 365 16.91 -7.68 -35.39
C GLN A 365 17.47 -6.38 -35.98
N ALA A 366 18.77 -6.38 -36.27
CA ALA A 366 19.41 -5.17 -36.76
C ALA A 366 18.81 -4.72 -38.08
N ASP A 367 18.49 -5.67 -38.97
CA ASP A 367 17.92 -5.31 -40.25
C ASP A 367 16.59 -4.57 -40.09
N LEU A 368 15.73 -5.06 -39.20
CA LEU A 368 14.42 -4.41 -38.99
C LEU A 368 14.58 -3.05 -38.32
N ALA A 369 15.45 -2.94 -37.32
CA ALA A 369 15.68 -1.65 -36.68
C ALA A 369 16.11 -0.61 -37.70
N GLU A 370 17.07 -0.97 -38.56
CA GLU A 370 17.55 -0.05 -39.58
C GLU A 370 16.45 0.27 -40.57
N ARG A 371 15.63 -0.74 -40.92
CA ARG A 371 14.56 -0.51 -41.89
C ARG A 371 13.56 0.50 -41.38
N ILE A 372 13.17 0.40 -40.10
CA ILE A 372 12.23 1.35 -39.51
C ILE A 372 12.82 2.75 -39.51
N ALA A 373 14.07 2.89 -39.06
CA ALA A 373 14.68 4.21 -38.98
C ALA A 373 14.80 4.85 -40.36
N LYS A 374 15.27 4.07 -41.35
CA LYS A 374 15.45 4.62 -42.68
C LYS A 374 14.11 4.94 -43.34
N ALA A 375 13.05 4.23 -42.98
CA ALA A 375 11.73 4.50 -43.54
C ALA A 375 11.26 5.90 -43.17
N TYR A 376 11.73 6.42 -42.04
CA TYR A 376 11.43 7.77 -41.60
C TYR A 376 12.49 8.79 -42.03
N HIS A 377 13.78 8.45 -41.90
CA HIS A 377 14.85 9.42 -42.09
C HIS A 377 15.56 9.31 -43.44
N GLY A 378 15.48 8.18 -44.12
CA GLY A 378 16.29 7.98 -45.30
C GLY A 378 15.82 8.83 -46.46
N VAL A 379 16.75 9.28 -47.28
CA VAL A 379 16.38 10.12 -48.42
C VAL A 379 16.05 9.17 -49.58
N HIS B 5 -4.09 43.53 27.54
CA HIS B 5 -3.21 44.19 26.56
C HIS B 5 -3.07 43.33 25.31
N HIS B 6 -3.52 42.07 25.40
CA HIS B 6 -3.57 41.14 24.27
C HIS B 6 -4.93 40.44 24.24
N HIS B 7 -6.01 41.22 24.34
CA HIS B 7 -7.35 40.64 24.52
C HIS B 7 -7.88 39.93 23.27
N HIS B 8 -7.23 40.06 22.12
CA HIS B 8 -7.59 39.31 20.92
C HIS B 8 -6.85 37.98 20.83
N HIS B 9 -6.19 37.54 21.89
CA HIS B 9 -5.42 36.30 21.83
C HIS B 9 -6.32 35.11 21.53
N HIS B 10 -7.58 35.15 21.98
CA HIS B 10 -8.50 34.03 21.76
C HIS B 10 -8.72 33.76 20.27
N HIS B 11 -8.51 34.77 19.41
CA HIS B 11 -8.69 34.56 17.98
C HIS B 11 -7.68 33.58 17.40
N GLU B 12 -6.51 33.48 18.02
CA GLU B 12 -5.46 32.57 17.55
C GLU B 12 -5.80 31.14 17.95
N PHE B 16 -13.91 21.92 18.78
CA PHE B 16 -13.95 21.44 20.17
C PHE B 16 -13.01 20.26 20.34
N GLN B 17 -11.95 20.24 19.54
CA GLN B 17 -10.98 19.14 19.52
C GLN B 17 -11.60 17.90 18.89
N SER B 18 -11.15 17.55 17.69
CA SER B 18 -11.72 16.45 16.92
C SER B 18 -10.94 15.15 17.16
N PHE B 19 -11.68 14.04 17.17
CA PHE B 19 -11.11 12.72 17.41
C PHE B 19 -11.41 11.82 16.22
N GLU B 20 -10.37 11.28 15.62
CA GLU B 20 -10.52 10.37 14.49
C GLU B 20 -11.15 9.07 14.97
N THR B 21 -11.67 8.29 14.03
CA THR B 21 -12.16 6.98 14.39
C THR B 21 -11.01 6.09 14.87
N ALA B 22 -11.37 5.07 15.65
CA ALA B 22 -10.34 4.14 16.10
C ALA B 22 -9.70 3.41 14.92
N THR B 23 -10.48 3.12 13.87
CA THR B 23 -9.91 2.45 12.71
C THR B 23 -8.78 3.29 12.11
N ASN B 24 -9.00 4.59 11.98
CA ASN B 24 -7.95 5.47 11.48
C ASN B 24 -6.80 5.61 12.47
N ALA B 25 -7.10 5.70 13.78
CA ALA B 25 -6.04 5.79 14.75
C ALA B 25 -5.10 4.59 14.63
N VAL B 26 -5.67 3.39 14.52
CA VAL B 26 -4.86 2.16 14.49
C VAL B 26 -3.98 2.13 13.24
N LYS B 27 -4.52 2.55 12.10
CA LYS B 27 -3.67 2.65 10.90
C LYS B 27 -2.59 3.70 11.08
N ASN B 28 -2.94 4.82 11.68
CA ASN B 28 -1.99 5.92 11.78
C ASN B 28 -0.92 5.68 12.83
N MET B 29 -1.11 4.70 13.71
CA MET B 29 -0.06 4.36 14.66
C MET B 29 1.21 3.90 13.98
N GLY B 30 1.12 3.32 12.79
CA GLY B 30 2.31 2.83 12.14
C GLY B 30 2.80 1.57 12.82
N VAL B 31 4.11 1.51 13.09
CA VAL B 31 4.70 0.45 13.92
C VAL B 31 5.02 1.03 15.29
N GLY B 32 4.69 0.29 16.33
CA GLY B 32 4.83 0.74 17.69
C GLY B 32 5.84 -0.08 18.50
N TRP B 33 6.07 0.40 19.71
CA TRP B 33 7.01 -0.21 20.66
C TRP B 33 6.46 -0.05 22.07
N ASN B 34 6.79 -1.02 22.93
CA ASN B 34 6.40 -1.02 24.33
C ASN B 34 7.55 -0.58 25.23
N LEU B 35 7.28 0.42 26.07
CA LEU B 35 8.17 0.80 27.17
C LEU B 35 7.97 -0.17 28.35
N GLY B 36 8.38 -1.42 28.12
CA GLY B 36 8.05 -2.49 29.03
C GLY B 36 8.98 -2.53 30.23
N ASN B 37 8.47 -3.16 31.30
CA ASN B 37 9.22 -3.36 32.53
C ASN B 37 9.63 -2.05 33.19
N THR B 38 8.79 -1.02 33.03
CA THR B 38 9.10 0.34 33.44
C THR B 38 8.01 0.80 34.37
N LEU B 39 7.01 1.56 33.91
CA LEU B 39 5.95 1.97 34.84
C LEU B 39 5.06 0.80 35.23
N ASP B 40 5.19 -0.32 34.51
CA ASP B 40 4.53 -1.58 34.85
C ASP B 40 5.30 -2.41 35.86
N ALA B 41 6.57 -2.08 36.13
CA ALA B 41 7.36 -2.87 37.05
C ALA B 41 6.73 -2.84 38.45
N ASN B 42 6.83 -3.96 39.17
CA ASN B 42 6.24 -4.06 40.48
C ASN B 42 6.92 -5.20 41.25
N ASP B 43 6.91 -5.08 42.58
CA ASP B 43 7.49 -6.12 43.45
C ASP B 43 6.68 -6.06 44.74
N ALA B 44 5.78 -7.03 44.92
CA ALA B 44 4.92 -7.04 46.08
C ALA B 44 5.66 -7.22 47.41
N THR B 45 6.97 -7.55 47.38
CA THR B 45 7.77 -7.63 48.60
C THR B 45 8.26 -6.27 49.06
N LYS B 46 8.04 -5.22 48.28
CA LYS B 46 8.58 -3.89 48.52
C LYS B 46 7.45 -2.87 48.65
N THR B 47 7.80 -1.73 49.27
CA THR B 47 6.93 -0.55 49.36
C THR B 47 7.70 0.65 48.88
N TRP B 48 7.14 1.39 47.93
CA TRP B 48 7.88 2.50 47.34
C TRP B 48 7.73 3.79 48.16
N THR B 49 8.80 4.58 48.18
CA THR B 49 8.74 5.94 48.71
C THR B 49 9.10 7.00 47.68
N THR B 50 9.50 6.61 46.46
CA THR B 50 9.71 7.54 45.37
C THR B 50 9.15 6.91 44.10
N THR B 51 8.85 7.75 43.10
CA THR B 51 8.43 7.20 41.82
C THR B 51 9.58 6.47 41.15
N VAL B 52 10.82 6.89 41.44
CA VAL B 52 12.01 6.30 40.81
C VAL B 52 12.15 4.84 41.22
N GLN B 53 11.89 4.53 42.49
CA GLN B 53 12.00 3.15 42.95
C GLN B 53 11.07 2.23 42.16
N HIS B 54 9.86 2.69 41.87
CA HIS B 54 8.91 1.91 41.10
C HIS B 54 9.38 1.76 39.65
N GLU B 55 9.74 2.88 39.02
CA GLU B 55 10.09 2.87 37.60
C GLU B 55 11.34 2.04 37.31
N THR B 56 12.27 1.94 38.28
CA THR B 56 13.55 1.30 38.08
C THR B 56 13.67 -0.08 38.73
N CYS B 57 12.59 -0.59 39.33
CA CYS B 57 12.77 -1.79 40.14
C CYS B 57 13.04 -3.04 39.33
N TRP B 58 12.79 -3.02 38.02
CA TRP B 58 13.11 -4.15 37.18
C TRP B 58 14.30 -3.87 36.26
N GLY B 59 15.14 -2.90 36.62
CA GLY B 59 16.38 -2.69 35.91
C GLY B 59 16.32 -1.78 34.72
N GLN B 60 15.23 -1.12 34.48
CA GLN B 60 15.20 -0.06 33.48
C GLN B 60 15.53 1.27 34.15
N PRO B 61 16.19 2.17 33.45
CA PRO B 61 16.52 3.48 34.01
C PRO B 61 15.30 4.39 33.93
N VAL B 62 15.40 5.54 34.61
CA VAL B 62 14.35 6.54 34.51
C VAL B 62 14.22 6.96 33.05
N THR B 63 12.99 7.00 32.55
CA THR B 63 12.72 7.27 31.15
C THR B 63 12.97 8.74 30.84
N LYS B 64 13.57 8.99 29.67
CA LYS B 64 13.87 10.31 29.16
C LYS B 64 13.20 10.52 27.81
N PRO B 65 12.85 11.77 27.48
CA PRO B 65 12.20 12.04 26.19
C PRO B 65 13.07 11.72 24.98
N GLU B 66 14.39 11.81 25.13
CA GLU B 66 15.29 11.51 24.01
C GLU B 66 15.08 10.09 23.51
N LEU B 67 14.73 9.16 24.39
CA LEU B 67 14.43 7.80 23.97
C LEU B 67 13.34 7.79 22.90
N PHE B 68 12.29 8.55 23.10
CA PHE B 68 11.18 8.53 22.14
C PHE B 68 11.51 9.29 20.87
N LYS B 69 12.31 10.35 20.96
CA LYS B 69 12.84 10.98 19.75
C LYS B 69 13.62 9.97 18.92
N MET B 70 14.44 9.15 19.58
CA MET B 70 15.19 8.13 18.86
C MET B 70 14.24 7.12 18.19
N MET B 71 13.19 6.72 18.89
CA MET B 71 12.22 5.81 18.30
C MET B 71 11.52 6.44 17.11
N LYS B 72 11.11 7.72 17.24
CA LYS B 72 10.46 8.40 16.12
C LYS B 72 11.40 8.50 14.92
N GLU B 73 12.66 8.86 15.15
CA GLU B 73 13.59 8.99 14.04
C GLU B 73 13.85 7.66 13.37
N ALA B 74 13.72 6.56 14.11
CA ALA B 74 13.89 5.23 13.52
C ALA B 74 12.65 4.75 12.78
N GLY B 75 11.57 5.52 12.80
CA GLY B 75 10.38 5.19 12.03
C GLY B 75 9.21 4.67 12.82
N PHE B 76 9.25 4.70 14.15
CA PHE B 76 8.15 4.24 14.98
C PHE B 76 7.14 5.37 15.15
N GLY B 77 5.86 4.99 15.27
CA GLY B 77 4.78 5.96 15.27
C GLY B 77 3.93 5.99 16.53
N ALA B 78 4.25 5.10 17.47
CA ALA B 78 3.41 4.92 18.64
C ALA B 78 4.18 4.19 19.72
N ILE B 79 3.86 4.52 20.98
CA ILE B 79 4.47 3.91 22.15
C ILE B 79 3.35 3.43 23.06
N ARG B 80 3.43 2.16 23.47
CA ARG B 80 2.58 1.67 24.54
C ARG B 80 3.37 1.79 25.84
N VAL B 81 2.75 2.45 26.82
CA VAL B 81 3.35 2.74 28.13
C VAL B 81 2.55 1.95 29.15
N PRO B 82 2.90 0.69 29.40
CA PRO B 82 2.13 -0.09 30.39
C PRO B 82 2.35 0.48 31.78
N VAL B 83 1.30 0.49 32.60
CA VAL B 83 1.40 1.03 33.94
C VAL B 83 0.75 0.04 34.91
N THR B 84 1.42 -0.26 36.01
CA THR B 84 0.89 -1.07 37.10
C THR B 84 0.59 -0.15 38.27
N TRP B 85 -0.63 -0.23 38.79
CA TRP B 85 -1.13 0.79 39.71
C TRP B 85 -1.23 0.38 41.17
N TYR B 86 -1.28 -0.92 41.49
CA TYR B 86 -1.68 -1.32 42.84
C TYR B 86 -0.71 -0.89 43.93
N GLN B 87 0.58 -0.72 43.63
CA GLN B 87 1.53 -0.24 44.63
C GLN B 87 1.55 1.27 44.74
N GLU B 88 0.64 1.95 44.05
CA GLU B 88 0.51 3.40 44.09
C GLU B 88 -0.87 3.82 44.54
N MET B 89 -1.64 2.89 45.11
CA MET B 89 -3.00 3.13 45.53
C MET B 89 -3.10 2.97 47.04
N ASP B 90 -3.82 3.90 47.68
CA ASP B 90 -4.07 3.84 49.11
C ASP B 90 -5.19 2.85 49.40
N ALA B 91 -5.56 2.75 50.68
CA ALA B 91 -6.57 1.78 51.10
C ALA B 91 -7.94 2.06 50.48
N ASN B 92 -8.18 3.27 50.01
CA ASN B 92 -9.41 3.61 49.29
C ASN B 92 -9.31 3.40 47.78
N GLY B 93 -8.17 2.97 47.28
CA GLY B 93 -7.94 2.86 45.86
C GLY B 93 -7.57 4.15 45.18
N LYS B 94 -7.21 5.19 45.94
CA LYS B 94 -6.80 6.44 45.34
C LYS B 94 -5.32 6.41 44.96
N VAL B 95 -5.02 6.75 43.71
CA VAL B 95 -3.63 6.84 43.22
C VAL B 95 -3.00 8.11 43.78
N ASN B 96 -1.77 8.00 44.29
CA ASN B 96 -1.12 9.18 44.84
C ASN B 96 -0.75 10.15 43.71
N GLU B 97 -0.72 11.43 44.07
CA GLU B 97 -0.52 12.50 43.09
C GLU B 97 0.85 12.38 42.43
N ALA B 98 1.87 12.02 43.22
CA ALA B 98 3.22 11.95 42.67
C ALA B 98 3.29 10.93 41.54
N TRP B 99 2.65 9.78 41.73
CA TRP B 99 2.70 8.74 40.72
C TRP B 99 1.96 9.19 39.46
N MET B 100 0.76 9.74 39.61
CA MET B 100 0.00 10.17 38.44
C MET B 100 0.76 11.24 37.68
N LYS B 101 1.46 12.13 38.41
CA LYS B 101 2.26 13.15 37.76
C LYS B 101 3.39 12.54 36.95
N ARG B 102 4.01 11.46 37.46
CA ARG B 102 5.10 10.84 36.70
C ARG B 102 4.57 10.14 35.46
N VAL B 103 3.44 9.42 35.58
CA VAL B 103 2.82 8.84 34.38
C VAL B 103 2.58 9.92 33.34
N LYS B 104 2.03 11.07 33.75
N LYS B 104 2.03 11.07 33.75
CA LYS B 104 1.78 12.17 32.83
CA LYS B 104 1.77 12.17 32.82
C LYS B 104 3.06 12.68 32.18
C LYS B 104 3.06 12.68 32.17
N GLU B 105 4.15 12.79 32.95
CA GLU B 105 5.41 13.22 32.38
C GLU B 105 5.83 12.31 31.22
N VAL B 106 5.68 11.00 31.39
CA VAL B 106 6.13 10.06 30.36
C VAL B 106 5.19 10.12 29.15
N VAL B 107 3.88 10.16 29.38
CA VAL B 107 2.94 10.37 28.27
C VAL B 107 3.30 11.64 27.52
N ASP B 108 3.59 12.72 28.24
CA ASP B 108 3.94 13.98 27.61
C ASP B 108 5.17 13.82 26.72
N TYR B 109 6.15 13.01 27.15
CA TYR B 109 7.33 12.82 26.30
C TYR B 109 6.92 12.19 24.97
N VAL B 110 6.03 11.21 25.02
CA VAL B 110 5.60 10.53 23.79
C VAL B 110 4.83 11.47 22.88
N VAL B 111 3.86 12.18 23.45
CA VAL B 111 3.01 13.08 22.67
C VAL B 111 3.81 14.20 22.04
N ALA B 112 4.91 14.63 22.69
CA ALA B 112 5.74 15.70 22.15
C ALA B 112 6.48 15.29 20.89
N GLN B 113 6.67 13.99 20.66
CA GLN B 113 7.24 13.50 19.42
C GLN B 113 6.18 13.27 18.34
N ASP B 114 4.94 13.69 18.60
CA ASP B 114 3.84 13.47 17.67
C ASP B 114 3.62 11.98 17.42
N MET B 115 3.76 11.18 18.46
N MET B 115 3.79 11.17 18.45
CA MET B 115 3.47 9.75 18.41
CA MET B 115 3.48 9.75 18.41
C MET B 115 2.24 9.46 19.25
C MET B 115 2.24 9.47 19.24
N TYR B 116 1.54 8.40 18.89
CA TYR B 116 0.43 7.93 19.70
C TYR B 116 0.97 7.31 20.99
N CYS B 117 0.15 7.36 22.04
CA CYS B 117 0.51 6.81 23.33
C CYS B 117 -0.68 6.03 23.88
N ILE B 118 -0.46 4.76 24.22
CA ILE B 118 -1.43 3.93 24.91
C ILE B 118 -1.00 3.80 26.37
N ILE B 119 -1.90 4.12 27.31
CA ILE B 119 -1.69 3.78 28.72
C ILE B 119 -2.75 2.76 29.14
N ASN B 120 -2.37 1.89 30.08
CA ASN B 120 -3.24 0.79 30.47
C ASN B 120 -3.20 0.55 31.97
N VAL B 121 -3.86 -0.54 32.37
CA VAL B 121 -3.79 -1.15 33.70
C VAL B 121 -3.12 -2.50 33.47
N HIS B 122 -1.89 -2.68 33.95
CA HIS B 122 -1.02 -3.75 33.46
C HIS B 122 -0.92 -4.92 34.45
N HIS B 123 0.06 -4.92 35.36
CA HIS B 123 0.24 -6.07 36.27
C HIS B 123 -0.71 -6.00 37.48
N ASP B 124 -1.72 -5.14 37.41
CA ASP B 124 -2.94 -5.34 38.17
C ASP B 124 -3.69 -6.59 37.74
N THR B 125 -3.41 -7.09 36.53
CA THR B 125 -3.85 -8.39 36.02
C THR B 125 -2.66 -9.32 35.97
N GLY B 126 -2.91 -10.62 35.78
CA GLY B 126 -1.86 -11.54 35.40
C GLY B 126 -1.83 -12.80 36.25
N ALA B 127 -0.82 -13.62 35.97
CA ALA B 127 -0.66 -14.90 36.64
C ALA B 127 0.00 -14.74 37.99
N ASP B 128 -0.67 -15.24 39.02
CA ASP B 128 -0.06 -15.30 40.34
C ASP B 128 1.26 -16.06 40.26
N LYS B 129 2.27 -15.58 40.95
CA LYS B 129 3.54 -16.28 41.00
C LYS B 129 4.40 -15.75 42.13
N ASP B 130 4.86 -16.62 43.03
CA ASP B 130 5.70 -16.22 44.16
C ASP B 130 4.94 -15.16 44.94
N ALA B 131 5.50 -13.96 45.15
CA ALA B 131 4.82 -12.92 45.94
C ALA B 131 3.73 -12.20 45.16
N PHE B 132 3.71 -12.34 43.84
CA PHE B 132 2.77 -11.58 43.03
C PHE B 132 1.42 -12.28 42.96
N LYS B 133 0.34 -11.53 43.21
CA LYS B 133 -1.03 -12.04 43.10
C LYS B 133 -1.94 -10.95 42.54
N SER B 134 -2.42 -11.14 41.32
CA SER B 134 -3.13 -10.07 40.66
C SER B 134 -4.51 -9.86 41.28
N TRP B 135 -4.94 -8.60 41.36
CA TRP B 135 -6.23 -8.30 41.95
C TRP B 135 -7.38 -8.27 40.95
N ILE B 136 -7.11 -8.03 39.67
CA ILE B 136 -8.13 -8.04 38.65
C ILE B 136 -8.07 -9.41 37.97
N LYS B 137 -9.14 -10.20 38.13
CA LYS B 137 -9.19 -11.55 37.58
C LYS B 137 -10.46 -11.76 36.76
N ALA B 138 -10.34 -12.60 35.74
CA ALA B 138 -11.45 -12.99 34.89
C ALA B 138 -12.23 -14.08 35.61
N ASP B 139 -13.03 -13.63 36.56
CA ASP B 139 -13.83 -14.45 37.44
C ASP B 139 -14.97 -13.54 37.85
N GLU B 140 -16.22 -13.98 37.61
CA GLU B 140 -17.33 -13.05 37.80
C GLU B 140 -17.48 -12.62 39.26
N ALA B 141 -17.11 -13.48 40.22
CA ALA B 141 -17.15 -13.07 41.62
C ALA B 141 -16.07 -12.01 41.90
N ASN B 142 -14.90 -12.15 41.29
CA ASN B 142 -13.87 -11.11 41.38
C ASN B 142 -14.38 -9.81 40.76
N TYR B 143 -15.05 -9.88 39.60
CA TYR B 143 -15.61 -8.68 39.00
C TYR B 143 -16.63 -8.01 39.91
N ASN B 144 -17.56 -8.79 40.45
CA ASN B 144 -18.57 -8.20 41.32
C ASN B 144 -17.93 -7.55 42.54
N GLN B 145 -16.89 -8.18 43.09
CA GLN B 145 -16.20 -7.65 44.25
C GLN B 145 -15.47 -6.35 43.95
N ASN B 146 -14.78 -6.29 42.80
CA ASN B 146 -13.83 -5.21 42.53
C ASN B 146 -14.34 -4.18 41.53
N LYS B 147 -15.60 -4.30 41.09
CA LYS B 147 -16.15 -3.39 40.09
C LYS B 147 -15.99 -1.94 40.50
N ALA B 148 -16.38 -1.61 41.73
CA ALA B 148 -16.34 -0.22 42.17
C ALA B 148 -14.90 0.31 42.19
N LYS B 149 -13.97 -0.48 42.73
CA LYS B 149 -12.57 -0.08 42.83
C LYS B 149 -11.96 0.11 41.43
N TYR B 150 -12.25 -0.81 40.52
CA TYR B 150 -11.76 -0.71 39.16
C TYR B 150 -12.31 0.54 38.46
N GLU B 151 -13.62 0.78 38.58
CA GLU B 151 -14.20 1.99 38.01
C GLU B 151 -13.58 3.25 38.63
N TYR B 152 -13.34 3.26 39.95
CA TYR B 152 -12.70 4.42 40.57
C TYR B 152 -11.31 4.64 40.00
N LEU B 153 -10.54 3.56 39.82
CA LEU B 153 -9.22 3.70 39.21
C LEU B 153 -9.31 4.34 37.84
N TRP B 154 -10.21 3.84 36.97
CA TRP B 154 -10.34 4.39 35.63
C TRP B 154 -10.87 5.82 35.65
N ARG B 155 -11.79 6.16 36.56
CA ARG B 155 -12.20 7.56 36.63
C ARG B 155 -11.01 8.46 36.94
N GLN B 156 -10.12 8.00 37.82
CA GLN B 156 -8.96 8.82 38.18
C GLN B 156 -8.02 9.00 36.99
N ILE B 157 -7.70 7.91 36.29
CA ILE B 157 -6.83 7.99 35.13
C ILE B 157 -7.48 8.86 34.06
N ALA B 158 -8.75 8.58 33.78
CA ALA B 158 -9.46 9.36 32.75
C ALA B 158 -9.49 10.84 33.11
N GLU B 159 -9.72 11.17 34.37
CA GLU B 159 -9.73 12.59 34.75
C GLU B 159 -8.38 13.23 34.52
N ALA B 160 -7.30 12.53 34.87
CA ALA B 160 -5.97 13.11 34.72
C ALA B 160 -5.64 13.43 33.26
N PHE B 161 -6.10 12.62 32.32
CA PHE B 161 -5.79 12.77 30.90
C PHE B 161 -6.96 13.28 30.09
N LYS B 162 -7.97 13.84 30.75
N LYS B 162 -7.98 13.84 30.75
CA LYS B 162 -9.22 14.16 30.07
CA LYS B 162 -9.23 14.18 30.09
C LYS B 162 -9.01 15.16 28.93
C LYS B 162 -9.02 15.16 28.95
N ASP B 163 -8.13 16.14 29.13
CA ASP B 163 -7.99 17.22 28.16
C ASP B 163 -7.02 16.90 27.02
N TYR B 164 -6.40 15.73 27.04
CA TYR B 164 -5.49 15.33 25.98
C TYR B 164 -6.26 15.05 24.70
N GLY B 165 -5.60 15.29 23.58
CA GLY B 165 -6.17 15.03 22.28
C GLY B 165 -6.13 13.56 21.91
N ASP B 166 -6.38 13.28 20.62
CA ASP B 166 -6.61 11.90 20.20
C ASP B 166 -5.35 11.07 20.08
N LYS B 167 -4.17 11.64 20.33
CA LYS B 167 -2.97 10.81 20.36
C LYS B 167 -2.92 9.88 21.57
N VAL B 168 -3.68 10.17 22.62
CA VAL B 168 -3.68 9.36 23.84
C VAL B 168 -4.89 8.44 23.81
N LEU B 169 -4.64 7.14 23.90
CA LEU B 169 -5.67 6.11 24.03
C LEU B 169 -5.51 5.40 25.36
N PHE B 170 -6.63 4.87 25.87
CA PHE B 170 -6.63 4.10 27.10
C PHE B 170 -6.96 2.64 26.78
N GLU B 171 -6.30 1.73 27.50
CA GLU B 171 -6.51 0.29 27.37
C GLU B 171 -6.99 -0.28 28.71
N SER B 172 -8.07 -1.06 28.64
CA SER B 172 -8.85 -1.43 29.82
C SER B 172 -8.05 -2.21 30.86
N TYR B 173 -7.30 -3.22 30.44
CA TYR B 173 -6.59 -4.16 31.32
C TYR B 173 -5.70 -4.97 30.39
N ASN B 174 -4.62 -5.52 30.95
CA ASN B 174 -3.59 -6.16 30.14
C ASN B 174 -3.87 -7.63 29.80
N GLU B 175 -3.54 -8.54 30.72
CA GLU B 175 -3.64 -9.98 30.48
C GLU B 175 -4.41 -10.56 31.65
N MET B 176 -5.73 -10.43 31.59
CA MET B 176 -6.59 -10.88 32.67
C MET B 176 -6.88 -12.37 32.53
N LEU B 177 -6.63 -13.11 33.61
CA LEU B 177 -6.74 -14.55 33.67
C LEU B 177 -7.80 -14.96 34.70
N ASP B 178 -8.30 -16.17 34.54
CA ASP B 178 -9.19 -16.78 35.52
C ASP B 178 -8.43 -17.05 36.83
N LYS B 179 -9.15 -17.60 37.79
CA LYS B 179 -8.52 -17.82 39.09
C LYS B 179 -7.55 -18.99 39.08
N LEU B 180 -7.51 -19.77 37.99
CA LEU B 180 -6.55 -20.84 37.81
C LEU B 180 -5.34 -20.37 37.01
N ASN B 181 -5.31 -19.08 36.67
CA ASN B 181 -4.23 -18.48 35.88
C ASN B 181 -4.08 -19.16 34.52
N SER B 182 -5.21 -19.48 33.90
CA SER B 182 -5.19 -20.19 32.62
C SER B 182 -4.75 -19.28 31.47
N TRP B 183 -3.73 -19.70 30.74
CA TRP B 183 -3.37 -19.09 29.47
C TRP B 183 -4.20 -19.74 28.37
N CYS B 184 -4.10 -19.16 27.16
CA CYS B 184 -4.63 -19.72 25.92
C CYS B 184 -6.14 -19.53 25.80
N PHE B 185 -6.90 -19.98 26.79
CA PHE B 185 -8.34 -19.78 26.82
C PHE B 185 -8.83 -20.02 28.24
N ALA B 186 -9.97 -19.44 28.59
CA ALA B 186 -10.47 -19.54 29.95
C ALA B 186 -10.71 -21.00 30.33
N SER B 187 -10.20 -21.38 31.50
CA SER B 187 -10.31 -22.69 32.14
C SER B 187 -9.33 -23.74 31.62
N PHE B 188 -8.38 -23.37 30.73
CA PHE B 188 -7.38 -24.33 30.25
C PHE B 188 -6.61 -25.01 31.36
N ALA B 189 -6.37 -24.32 32.47
CA ALA B 189 -5.61 -24.89 33.57
C ALA B 189 -6.45 -25.75 34.50
N ALA B 190 -7.73 -25.94 34.21
CA ALA B 190 -8.56 -26.77 35.06
C ALA B 190 -8.26 -28.25 34.82
N SER B 191 -8.75 -29.08 35.74
CA SER B 191 -8.72 -30.51 35.52
C SER B 191 -9.34 -30.84 34.16
N GLY B 192 -8.66 -31.70 33.40
CA GLY B 192 -9.17 -32.06 32.08
C GLY B 192 -9.10 -30.96 31.06
N GLN B 193 -8.42 -29.86 31.38
CA GLN B 193 -8.17 -28.73 30.50
C GLN B 193 -9.42 -27.94 30.14
N TYR B 194 -10.50 -28.10 30.92
CA TYR B 194 -11.67 -27.28 30.69
C TYR B 194 -12.58 -27.37 31.91
N ASP B 195 -13.25 -26.26 32.21
CA ASP B 195 -14.27 -26.20 33.27
C ASP B 195 -15.27 -25.16 32.78
N ALA B 196 -16.44 -25.62 32.33
CA ALA B 196 -17.38 -24.70 31.69
C ALA B 196 -17.87 -23.63 32.64
N THR B 197 -18.02 -23.96 33.92
CA THR B 197 -18.44 -22.95 34.91
C THR B 197 -17.42 -21.85 35.00
N VAL B 198 -16.14 -22.21 35.12
CA VAL B 198 -15.07 -21.23 35.19
C VAL B 198 -14.96 -20.45 33.89
N ALA B 199 -15.05 -21.14 32.74
CA ALA B 199 -14.94 -20.45 31.45
C ALA B 199 -16.04 -19.40 31.29
N THR B 200 -17.29 -19.78 31.56
CA THR B 200 -18.39 -18.85 31.42
C THR B 200 -18.25 -17.69 32.38
N SER B 201 -17.82 -17.96 33.61
CA SER B 201 -17.56 -16.90 34.59
C SER B 201 -16.48 -15.95 34.06
N ALA B 202 -15.44 -16.51 33.44
CA ALA B 202 -14.32 -15.69 33.00
C ALA B 202 -14.73 -14.71 31.89
N TYR B 203 -15.49 -15.19 30.89
CA TYR B 203 -15.89 -14.29 29.82
C TYR B 203 -16.91 -13.27 30.32
N ASN B 204 -17.80 -13.65 31.25
CA ASN B 204 -18.68 -12.65 31.85
C ASN B 204 -17.87 -11.56 32.56
N ALA B 205 -16.79 -11.95 33.24
CA ALA B 205 -15.96 -10.99 33.94
C ALA B 205 -15.19 -10.09 32.98
N ILE B 206 -14.56 -10.67 31.96
CA ILE B 206 -13.90 -9.86 30.94
C ILE B 206 -14.87 -8.81 30.40
N ASN B 207 -16.08 -9.26 30.03
CA ASN B 207 -17.04 -8.35 29.43
C ASN B 207 -17.52 -7.31 30.42
N GLY B 208 -17.63 -7.69 31.70
CA GLY B 208 -18.02 -6.74 32.73
C GLY B 208 -16.96 -5.68 32.97
N TYR B 209 -15.70 -6.11 33.08
CA TYR B 209 -14.62 -5.13 33.21
C TYR B 209 -14.55 -4.22 31.99
N ALA B 210 -14.74 -4.76 30.77
CA ALA B 210 -14.75 -3.91 29.58
C ALA B 210 -15.86 -2.87 29.63
N ARG B 211 -17.09 -3.27 30.01
CA ARG B 211 -18.18 -2.31 30.20
C ARG B 211 -17.85 -1.28 31.28
N SER B 212 -17.36 -1.74 32.43
CA SER B 212 -17.03 -0.82 33.52
C SER B 212 -15.99 0.21 33.07
N PHE B 213 -14.98 -0.23 32.33
CA PHE B 213 -13.94 0.66 31.82
C PHE B 213 -14.53 1.73 30.93
N VAL B 214 -15.29 1.32 29.91
CA VAL B 214 -15.88 2.27 28.99
C VAL B 214 -16.80 3.24 29.72
N ASN B 215 -17.63 2.73 30.63
CA ASN B 215 -18.55 3.60 31.34
C ASN B 215 -17.82 4.58 32.24
N ALA B 216 -16.80 4.11 32.96
CA ALA B 216 -16.06 5.00 33.86
C ALA B 216 -15.34 6.08 33.07
N VAL B 217 -14.71 5.71 31.96
CA VAL B 217 -13.97 6.70 31.17
C VAL B 217 -14.94 7.71 30.56
N ARG B 218 -15.94 7.23 29.82
CA ARG B 218 -16.80 8.15 29.09
C ARG B 218 -17.60 9.02 30.04
N GLY B 219 -17.91 8.51 31.24
CA GLY B 219 -18.65 9.27 32.22
C GLY B 219 -17.93 10.48 32.79
N THR B 220 -16.61 10.57 32.61
CA THR B 220 -15.88 11.75 33.04
C THR B 220 -16.09 12.94 32.10
N GLY B 221 -16.63 12.71 30.91
CA GLY B 221 -16.99 13.81 30.03
C GLY B 221 -15.83 14.39 29.23
N GLY B 222 -16.10 15.56 28.65
CA GLY B 222 -15.06 16.22 27.87
C GLY B 222 -14.60 15.36 26.72
N ASN B 223 -13.30 15.39 26.45
CA ASN B 223 -12.76 14.61 25.33
C ASN B 223 -12.89 13.12 25.57
N ASN B 224 -13.12 12.69 26.81
CA ASN B 224 -13.22 11.25 27.05
C ASN B 224 -14.50 10.65 26.48
N VAL B 225 -15.45 11.48 26.06
CA VAL B 225 -16.63 10.95 25.38
C VAL B 225 -16.28 10.41 24.00
N ARG B 226 -15.22 10.91 23.39
CA ARG B 226 -14.85 10.49 22.05
C ARG B 226 -13.43 9.95 21.96
N ARG B 227 -12.72 9.81 23.08
CA ARG B 227 -11.38 9.22 23.06
C ARG B 227 -11.45 7.81 22.52
N ASN B 228 -10.43 7.43 21.77
CA ASN B 228 -10.33 6.05 21.30
C ASN B 228 -9.87 5.15 22.42
N LEU B 229 -10.69 4.13 22.70
CA LEU B 229 -10.49 3.23 23.84
C LEU B 229 -10.25 1.81 23.33
N ILE B 230 -9.56 1.00 24.12
CA ILE B 230 -9.11 -0.33 23.72
C ILE B 230 -9.52 -1.32 24.80
N VAL B 231 -10.14 -2.44 24.38
CA VAL B 231 -10.48 -3.52 25.31
C VAL B 231 -9.74 -4.77 24.87
N ASN B 232 -9.25 -5.54 25.83
CA ASN B 232 -8.44 -6.70 25.53
C ASN B 232 -9.26 -7.99 25.70
N THR B 233 -8.87 -8.99 24.92
CA THR B 233 -9.46 -10.31 25.10
C THR B 233 -8.95 -10.98 26.39
N TYR B 234 -9.66 -12.01 26.82
CA TYR B 234 -9.15 -12.92 27.86
C TYR B 234 -7.69 -13.25 27.60
N ALA B 235 -6.82 -12.98 28.60
CA ALA B 235 -5.38 -13.27 28.57
C ALA B 235 -4.65 -12.53 27.46
N ALA B 236 -5.29 -11.58 26.80
CA ALA B 236 -4.82 -11.07 25.51
C ALA B 236 -4.52 -12.18 24.51
N ALA B 237 -5.20 -13.30 24.66
CA ALA B 237 -5.09 -14.40 23.70
C ALA B 237 -5.67 -14.02 22.35
N ASN B 238 -5.11 -14.62 21.30
CA ASN B 238 -5.41 -14.18 19.95
C ASN B 238 -6.12 -15.21 19.10
N GLY B 239 -6.44 -16.38 19.64
CA GLY B 239 -7.27 -17.35 18.95
C GLY B 239 -6.55 -18.24 17.95
N SER B 240 -5.26 -18.05 17.70
CA SER B 240 -4.58 -18.80 16.67
C SER B 240 -4.41 -20.26 17.08
N GLY B 241 -4.27 -21.11 16.07
CA GLY B 241 -4.04 -22.53 16.22
C GLY B 241 -5.32 -23.34 16.16
N ASN B 242 -5.15 -24.66 16.12
CA ASN B 242 -6.29 -25.57 16.02
C ASN B 242 -6.11 -26.79 16.92
N TRP B 243 -5.26 -26.70 17.95
CA TRP B 243 -4.96 -27.85 18.80
C TRP B 243 -6.00 -28.05 19.90
N ASN B 244 -6.94 -27.11 20.07
CA ASN B 244 -8.01 -27.24 21.04
C ASN B 244 -9.21 -26.48 20.51
N ALA B 245 -10.40 -27.05 20.72
CA ALA B 245 -11.63 -26.47 20.20
C ALA B 245 -12.00 -25.16 20.86
N HIS B 246 -11.36 -24.80 21.97
CA HIS B 246 -11.69 -23.57 22.67
C HIS B 246 -10.76 -22.41 22.36
N LEU B 247 -9.81 -22.59 21.43
CA LEU B 247 -8.83 -21.55 21.16
C LEU B 247 -9.49 -20.27 20.68
N LYS B 248 -10.61 -20.37 19.98
CA LYS B 248 -11.28 -19.18 19.48
C LYS B 248 -12.14 -18.50 20.54
N ASP B 249 -12.36 -19.13 21.69
CA ASP B 249 -13.31 -18.57 22.66
C ASP B 249 -12.92 -17.16 23.13
N PRO B 250 -11.64 -16.84 23.38
CA PRO B 250 -11.31 -15.44 23.75
C PRO B 250 -11.76 -14.44 22.72
N LEU B 251 -11.77 -14.81 21.44
CA LEU B 251 -12.27 -13.91 20.41
C LEU B 251 -13.79 -13.93 20.33
N SER B 252 -14.40 -15.12 20.26
CA SER B 252 -15.83 -15.20 20.01
C SER B 252 -16.69 -14.81 21.20
N LYS B 253 -16.16 -14.90 22.42
CA LYS B 253 -16.93 -14.63 23.62
C LYS B 253 -16.70 -13.22 24.15
N LEU B 254 -15.93 -12.39 23.44
CA LEU B 254 -15.78 -11.00 23.81
C LEU B 254 -17.00 -10.22 23.34
N VAL B 255 -17.56 -9.41 24.23
CA VAL B 255 -18.68 -8.54 23.90
C VAL B 255 -18.21 -7.09 23.93
N ILE B 256 -18.36 -6.41 22.81
CA ILE B 256 -18.08 -4.97 22.75
C ILE B 256 -19.13 -4.22 23.57
N PRO B 257 -18.73 -3.40 24.53
CA PRO B 257 -19.71 -2.71 25.37
C PRO B 257 -20.73 -1.92 24.57
N GLN B 258 -21.95 -1.94 25.08
CA GLN B 258 -23.04 -1.20 24.45
C GLN B 258 -22.65 0.26 24.31
N GLY B 259 -23.03 0.83 23.18
CA GLY B 259 -22.77 2.21 22.90
C GLY B 259 -21.50 2.48 22.12
N GLU B 260 -20.60 1.51 22.04
CA GLU B 260 -19.33 1.69 21.35
C GLU B 260 -19.47 1.31 19.89
N ARG B 261 -18.81 2.07 19.02
CA ARG B 261 -18.84 1.77 17.60
C ARG B 261 -17.62 2.33 16.89
N ASP B 262 -17.44 3.66 16.92
CA ASP B 262 -16.42 4.30 16.12
C ASP B 262 -15.17 4.69 16.89
N HIS B 263 -15.15 4.50 18.20
CA HIS B 263 -14.04 4.89 19.05
C HIS B 263 -13.62 3.75 19.97
N ILE B 264 -13.64 2.53 19.44
CA ILE B 264 -13.29 1.33 20.19
C ILE B 264 -12.42 0.42 19.34
N ALA B 265 -11.43 -0.20 19.98
CA ALA B 265 -10.57 -1.17 19.33
C ALA B 265 -10.38 -2.35 20.28
N VAL B 266 -10.04 -3.51 19.71
CA VAL B 266 -9.75 -4.72 20.46
C VAL B 266 -8.26 -5.03 20.38
N GLN B 267 -7.69 -5.46 21.50
CA GLN B 267 -6.28 -5.77 21.57
C GLN B 267 -6.04 -7.21 21.97
N VAL B 268 -5.06 -7.82 21.29
CA VAL B 268 -4.52 -9.12 21.60
C VAL B 268 -2.99 -8.99 21.64
N HIS B 269 -2.33 -10.01 22.17
CA HIS B 269 -0.87 -10.11 22.15
C HIS B 269 -0.48 -11.34 21.33
N ALA B 270 0.77 -11.36 20.83
CA ALA B 270 1.20 -12.49 20.01
C ALA B 270 2.67 -12.78 20.18
N TYR B 271 2.99 -13.99 20.63
CA TYR B 271 4.36 -14.46 20.79
C TYR B 271 4.46 -15.82 20.12
N PRO B 272 4.40 -15.85 18.78
CA PRO B 272 4.41 -17.15 18.08
C PRO B 272 5.73 -17.89 18.25
N THR B 273 5.65 -19.21 18.13
CA THR B 273 6.84 -20.05 18.16
C THR B 273 7.41 -20.10 16.75
N ILE B 274 8.68 -19.74 16.60
CA ILE B 274 9.37 -19.88 15.32
C ILE B 274 10.46 -20.94 15.37
N ALA B 275 11.00 -21.25 16.54
CA ALA B 275 12.13 -22.15 16.63
C ALA B 275 11.81 -23.50 16.00
N GLY B 276 12.68 -23.95 15.10
CA GLY B 276 12.56 -25.25 14.47
C GLY B 276 11.58 -25.34 13.33
N LYS B 277 10.91 -24.24 12.99
CA LYS B 277 9.96 -24.22 11.89
C LYS B 277 10.59 -23.63 10.64
N THR B 278 10.08 -24.03 9.49
CA THR B 278 10.48 -23.38 8.25
C THR B 278 9.76 -22.03 8.13
N ILE B 279 10.35 -21.13 7.34
CA ILE B 279 9.73 -19.82 7.19
C ILE B 279 8.37 -19.94 6.49
N SER B 280 8.21 -20.90 5.58
CA SER B 280 6.89 -21.16 5.00
C SER B 280 5.86 -21.45 6.08
N ALA B 281 6.18 -22.34 7.03
CA ALA B 281 5.24 -22.67 8.08
C ALA B 281 4.96 -21.47 8.98
N ILE B 282 6.00 -20.68 9.26
CA ILE B 282 5.83 -19.48 10.09
C ILE B 282 4.86 -18.51 9.44
N ARG B 283 5.04 -18.26 8.13
CA ARG B 283 4.12 -17.36 7.44
C ARG B 283 2.69 -17.89 7.48
N THR B 284 2.52 -19.20 7.35
CA THR B 284 1.19 -19.80 7.47
C THR B 284 0.62 -19.60 8.86
N ASP B 285 1.45 -19.74 9.89
N ASP B 285 1.45 -19.75 9.90
CA ASP B 285 1.01 -19.50 11.27
CA ASP B 285 1.00 -19.50 11.25
C ASP B 285 0.57 -18.06 11.46
C ASP B 285 0.53 -18.06 11.41
N THR B 286 1.30 -17.11 10.90
CA THR B 286 0.93 -15.71 11.01
C THR B 286 -0.38 -15.44 10.26
N ARG B 287 -0.52 -16.05 9.08
CA ARG B 287 -1.75 -15.94 8.30
C ARG B 287 -2.94 -16.42 9.12
N ASP B 288 -2.78 -17.52 9.86
CA ASP B 288 -3.86 -18.04 10.68
C ASP B 288 -4.21 -17.06 11.80
N LEU B 289 -3.19 -16.56 12.50
CA LEU B 289 -3.39 -15.52 13.50
C LEU B 289 -4.21 -14.37 12.93
N MET B 290 -3.75 -13.78 11.84
CA MET B 290 -4.44 -12.61 11.29
C MET B 290 -5.85 -12.97 10.86
N ASN B 291 -6.05 -14.19 10.35
CA ASN B 291 -7.37 -14.57 9.87
C ASN B 291 -8.41 -14.52 10.99
N GLY B 292 -8.08 -15.04 12.17
CA GLY B 292 -9.02 -15.00 13.28
C GLY B 292 -9.35 -13.58 13.70
N LEU B 293 -8.32 -12.72 13.73
CA LEU B 293 -8.58 -11.32 14.08
C LEU B 293 -9.47 -10.67 13.05
N ASN B 294 -9.29 -11.02 11.77
CA ASN B 294 -10.13 -10.47 10.71
C ASN B 294 -11.57 -10.99 10.83
N THR B 295 -11.73 -12.29 11.07
CA THR B 295 -13.07 -12.88 11.13
C THR B 295 -13.90 -12.25 12.24
N TYR B 296 -13.34 -12.12 13.43
CA TYR B 296 -14.13 -11.70 14.59
C TYR B 296 -14.22 -10.20 14.76
N PHE B 297 -13.24 -9.43 14.25
CA PHE B 297 -13.15 -8.00 14.52
C PHE B 297 -13.01 -7.15 13.26
N VAL B 298 -11.89 -7.27 12.55
CA VAL B 298 -11.62 -6.32 11.46
C VAL B 298 -12.72 -6.36 10.42
N SER B 299 -13.18 -7.55 10.03
CA SER B 299 -14.19 -7.66 8.99
C SER B 299 -15.53 -7.13 9.45
N LYS B 300 -15.71 -6.95 10.76
CA LYS B 300 -16.93 -6.40 11.32
C LYS B 300 -16.81 -4.92 11.63
N GLY B 301 -15.71 -4.30 11.22
CA GLY B 301 -15.51 -2.89 11.50
C GLY B 301 -15.00 -2.58 12.88
N ILE B 302 -14.38 -3.55 13.55
CA ILE B 302 -13.74 -3.33 14.84
C ILE B 302 -12.23 -3.45 14.61
N PRO B 303 -11.46 -2.37 14.75
CA PRO B 303 -10.02 -2.46 14.49
C PRO B 303 -9.30 -3.17 15.61
N VAL B 304 -8.14 -3.73 15.27
CA VAL B 304 -7.39 -4.57 16.18
C VAL B 304 -5.99 -4.01 16.37
N ILE B 305 -5.52 -4.04 17.61
CA ILE B 305 -4.13 -3.73 17.95
C ILE B 305 -3.47 -4.98 18.49
N ILE B 306 -2.34 -5.35 17.90
CA ILE B 306 -1.48 -6.40 18.50
C ILE B 306 -0.52 -5.63 19.40
N GLY B 307 -0.92 -5.50 20.68
CA GLY B 307 -0.28 -4.54 21.55
C GLY B 307 1.02 -4.99 22.15
N GLU B 308 1.34 -6.27 22.01
CA GLU B 308 2.66 -6.79 22.30
C GLU B 308 2.90 -7.92 21.30
N TRP B 309 4.11 -7.95 20.74
CA TRP B 309 4.53 -9.12 19.99
C TRP B 309 6.05 -9.25 20.06
N SER B 310 6.50 -10.49 19.82
CA SER B 310 7.87 -10.92 19.62
C SER B 310 7.70 -12.39 19.27
N THR B 311 8.61 -13.25 19.67
CA THR B 311 8.47 -14.68 19.50
C THR B 311 8.36 -15.34 20.87
N SER B 312 8.09 -16.65 20.86
CA SER B 312 7.85 -17.39 22.09
C SER B 312 9.05 -17.40 23.02
N ASN B 313 10.25 -17.15 22.50
CA ASN B 313 11.45 -17.18 23.31
C ASN B 313 11.88 -15.79 23.78
N VAL B 314 10.96 -14.82 23.73
CA VAL B 314 11.30 -13.45 24.11
C VAL B 314 11.88 -13.36 25.51
N ASP B 315 11.43 -14.22 26.42
CA ASP B 315 11.89 -14.22 27.80
C ASP B 315 12.64 -15.50 28.15
N ALA B 316 13.03 -16.29 27.16
CA ALA B 316 13.77 -17.52 27.41
C ALA B 316 15.23 -17.19 27.71
N LYS B 317 15.94 -18.19 28.20
CA LYS B 317 17.36 -18.00 28.47
C LYS B 317 18.08 -17.65 27.17
N GLU B 318 17.72 -18.33 26.08
CA GLU B 318 18.25 -18.04 24.75
C GLU B 318 17.11 -17.47 23.93
N THR B 319 17.14 -16.16 23.67
CA THR B 319 16.07 -15.59 22.88
C THR B 319 16.29 -15.94 21.41
N ASP B 320 15.25 -15.74 20.58
CA ASP B 320 15.41 -16.00 19.15
C ASP B 320 16.27 -14.95 18.47
N TYR B 321 16.32 -13.74 19.02
CA TYR B 321 17.21 -12.72 18.46
C TYR B 321 18.65 -13.17 18.55
N ASP B 322 19.03 -13.82 19.64
N ASP B 322 19.04 -13.81 19.65
CA ASP B 322 20.38 -14.32 19.76
CA ASP B 322 20.39 -14.33 19.77
C ASP B 322 20.55 -15.65 19.04
C ASP B 322 20.55 -15.65 19.04
N ALA B 323 19.56 -16.54 19.14
CA ALA B 323 19.72 -17.93 18.72
C ALA B 323 19.41 -18.19 17.26
N ARG B 324 18.54 -17.41 16.65
CA ARG B 324 18.12 -17.66 15.27
C ARG B 324 17.73 -16.32 14.65
N LYS B 325 18.72 -15.42 14.58
CA LYS B 325 18.44 -14.04 14.23
C LYS B 325 17.89 -13.92 12.80
N SER B 326 18.51 -14.60 11.84
CA SER B 326 18.04 -14.45 10.45
C SER B 326 16.60 -14.93 10.30
N LEU B 327 16.26 -16.07 10.90
CA LEU B 327 14.88 -16.55 10.82
C LEU B 327 13.93 -15.59 11.53
N MET B 328 14.35 -15.08 12.69
CA MET B 328 13.52 -14.10 13.37
C MET B 328 13.25 -12.88 12.49
N PHE B 329 14.27 -12.42 11.77
CA PHE B 329 14.07 -11.24 10.92
C PHE B 329 13.13 -11.54 9.77
N GLN B 330 13.16 -12.76 9.21
CA GLN B 330 12.19 -13.13 8.18
C GLN B 330 10.78 -13.17 8.76
N PHE B 331 10.64 -13.67 9.99
CA PHE B 331 9.36 -13.65 10.68
C PHE B 331 8.85 -12.22 10.84
N VAL B 332 9.72 -11.33 11.30
CA VAL B 332 9.40 -9.91 11.46
C VAL B 332 8.89 -9.31 10.16
N ASP B 333 9.63 -9.49 9.07
CA ASP B 333 9.25 -8.92 7.78
C ASP B 333 7.80 -9.26 7.47
N ASP B 334 7.45 -10.54 7.59
CA ASP B 334 6.13 -11.01 7.18
C ASP B 334 5.06 -10.65 8.22
N PHE B 335 5.39 -10.69 9.51
CA PHE B 335 4.39 -10.39 10.53
C PHE B 335 3.91 -8.95 10.38
N VAL B 336 4.85 -8.02 10.28
CA VAL B 336 4.49 -6.61 10.13
C VAL B 336 3.73 -6.39 8.84
N ALA B 337 4.13 -7.08 7.76
CA ALA B 337 3.47 -6.89 6.48
C ALA B 337 2.02 -7.39 6.52
N GLN B 338 1.82 -8.59 7.07
CA GLN B 338 0.46 -9.12 7.11
C GLN B 338 -0.45 -8.26 7.97
N ALA B 339 0.06 -7.77 9.10
CA ALA B 339 -0.72 -6.87 9.93
C ALA B 339 -1.06 -5.60 9.18
N LYS B 340 -0.08 -4.99 8.51
CA LYS B 340 -0.32 -3.73 7.82
C LYS B 340 -1.42 -3.86 6.77
N ALA B 341 -1.41 -4.97 6.04
CA ALA B 341 -2.39 -5.13 4.97
C ALA B 341 -3.81 -5.22 5.52
N LEU B 342 -3.98 -5.57 6.80
CA LEU B 342 -5.30 -5.62 7.41
C LEU B 342 -5.62 -4.39 8.23
N GLY B 343 -4.70 -3.43 8.33
CA GLY B 343 -4.90 -2.28 9.16
C GLY B 343 -4.75 -2.55 10.64
N ILE B 344 -3.98 -3.58 11.00
CA ILE B 344 -3.75 -3.97 12.39
C ILE B 344 -2.41 -3.38 12.84
N ALA B 345 -2.42 -2.62 13.92
CA ALA B 345 -1.21 -2.03 14.46
C ALA B 345 -0.46 -3.03 15.33
N THR B 346 0.88 -2.97 15.29
CA THR B 346 1.75 -3.86 16.06
C THR B 346 2.65 -3.04 16.99
N PHE B 347 2.90 -3.55 18.19
CA PHE B 347 3.74 -2.89 19.19
C PHE B 347 4.73 -3.92 19.71
N TYR B 348 6.00 -3.79 19.33
CA TYR B 348 7.01 -4.78 19.70
C TYR B 348 7.30 -4.71 21.21
N TRP B 349 7.56 -5.88 21.82
CA TRP B 349 7.79 -5.95 23.27
C TRP B 349 9.27 -5.75 23.63
N MET B 350 9.59 -4.60 24.20
CA MET B 350 10.93 -4.37 24.78
C MET B 350 12.00 -4.57 23.73
N GLY B 351 13.17 -5.06 24.16
CA GLY B 351 14.32 -5.09 23.30
C GLY B 351 14.53 -3.70 22.73
N LEU B 352 15.14 -3.66 21.56
CA LEU B 352 15.45 -2.46 20.79
C LEU B 352 16.38 -1.52 21.53
N SER B 353 15.90 -0.93 22.64
CA SER B 353 16.71 -0.07 23.49
C SER B 353 16.34 -0.47 24.91
N ASP B 354 17.28 -1.08 25.63
CA ASP B 354 16.96 -1.73 26.88
C ASP B 354 17.96 -1.34 27.95
N GLY B 355 17.47 -1.19 29.17
CA GLY B 355 18.38 -0.92 30.27
C GLY B 355 19.11 0.38 30.06
N ALA B 356 20.39 0.40 30.45
CA ALA B 356 21.16 1.63 30.43
C ALA B 356 21.26 2.23 29.03
N SER B 357 21.09 1.42 27.99
CA SER B 357 21.09 1.95 26.62
C SER B 357 20.01 3.00 26.43
N ARG B 358 18.91 2.90 27.18
CA ARG B 358 17.84 3.89 27.03
C ARG B 358 18.27 5.27 27.48
N THR B 359 19.30 5.36 28.31
CA THR B 359 19.75 6.64 28.83
C THR B 359 20.57 7.44 27.83
N MET B 360 21.29 6.78 26.93
N MET B 360 21.28 6.77 26.93
CA MET B 360 22.18 7.51 26.04
CA MET B 360 22.18 7.43 25.99
C MET B 360 21.44 8.53 25.17
C MET B 360 21.47 8.50 25.16
N PRO B 361 20.40 8.16 24.40
CA PRO B 361 19.86 6.83 24.15
C PRO B 361 20.53 6.18 22.95
N SER B 362 20.49 4.85 22.91
CA SER B 362 21.00 4.10 21.78
C SER B 362 20.25 2.78 21.68
N PHE B 363 20.24 2.21 20.47
CA PHE B 363 19.65 0.90 20.28
C PHE B 363 20.69 -0.17 20.60
N ASN B 364 20.33 -1.11 21.44
CA ASN B 364 21.17 -2.29 21.59
C ASN B 364 20.74 -3.42 20.65
N GLN B 365 19.57 -3.29 20.02
CA GLN B 365 19.16 -4.17 18.93
C GLN B 365 18.83 -3.33 17.70
N ALA B 366 19.82 -2.58 17.22
CA ALA B 366 19.56 -1.62 16.14
C ALA B 366 19.12 -2.35 14.88
N ASP B 367 19.69 -3.53 14.63
CA ASP B 367 19.33 -4.28 13.43
C ASP B 367 17.86 -4.69 13.46
N LEU B 368 17.36 -5.12 14.62
CA LEU B 368 15.94 -5.50 14.71
C LEU B 368 15.02 -4.28 14.62
N ALA B 369 15.41 -3.17 15.26
CA ALA B 369 14.61 -1.96 15.16
C ALA B 369 14.46 -1.51 13.72
N GLU B 370 15.58 -1.49 12.98
CA GLU B 370 15.54 -1.10 11.57
C GLU B 370 14.72 -2.10 10.75
N ARG B 371 14.82 -3.39 11.08
CA ARG B 371 14.05 -4.39 10.35
C ARG B 371 12.55 -4.21 10.52
N ILE B 372 12.11 -3.95 11.75
CA ILE B 372 10.70 -3.71 12.02
C ILE B 372 10.22 -2.48 11.24
N ALA B 373 10.96 -1.37 11.35
CA ALA B 373 10.54 -0.14 10.68
C ALA B 373 10.52 -0.32 9.17
N LYS B 374 11.54 -0.95 8.61
CA LYS B 374 11.57 -1.16 7.16
C LYS B 374 10.49 -2.11 6.69
N ALA B 375 10.13 -3.10 7.51
CA ALA B 375 9.04 -4.01 7.14
C ALA B 375 7.72 -3.26 7.02
N TYR B 376 7.56 -2.19 7.79
CA TYR B 376 6.35 -1.39 7.71
C TYR B 376 6.42 -0.37 6.57
N HIS B 377 7.49 0.39 6.49
CA HIS B 377 7.56 1.52 5.58
C HIS B 377 7.99 1.14 4.18
N GLY B 378 8.71 0.03 4.02
CA GLY B 378 9.28 -0.34 2.74
C GLY B 378 10.71 0.15 2.57
C1 LMR C . 4.40 -13.58 -49.21
O1A LMR C . 4.58 -14.50 -48.33
O1B LMR C . 3.26 -13.29 -49.62
C2 LMR C . 5.61 -12.82 -49.77
O2 LMR C . 6.72 -13.52 -49.29
C3 LMR C . 5.60 -12.73 -51.28
C4 LMR C . 6.94 -12.16 -51.73
O4A LMR C . 7.32 -12.32 -52.93
O4B LMR C . 7.69 -11.51 -50.94
H2 LMR C . 5.60 -11.89 -49.48
HO2 LMR C . 6.82 -14.23 -49.74
H3 LMR C . 5.49 -13.62 -51.66
H3A LMR C . 4.88 -12.16 -51.57
NA NA D . 6.48 -6.03 -2.75
C1 PEG E . -5.02 -2.55 -6.55
O1 PEG E . -4.38 -3.78 -6.80
C2 PEG E . -6.16 -2.24 -7.52
O2 PEG E . -7.36 -2.13 -6.77
C3 PEG E . -8.53 -1.86 -7.48
C4 PEG E . -9.73 -2.52 -6.80
O4 PEG E . -10.01 -1.89 -5.58
H11 PEG E . -5.38 -2.56 -5.65
H12 PEG E . -4.37 -1.83 -6.61
HO1 PEG E . -3.56 -3.64 -6.97
H21 PEG E . -5.98 -1.41 -7.99
H22 PEG E . -6.24 -2.96 -8.16
H31 PEG E . -8.68 -0.90 -7.51
H32 PEG E . -8.45 -2.20 -8.39
H41 PEG E . -10.52 -2.45 -7.38
H42 PEG E . -9.54 -3.46 -6.64
HO4 PEG E . -10.32 -1.11 -5.73
#